data_8T2H
#
_entry.id   8T2H
#
_cell.length_a   63.472
_cell.length_b   83.213
_cell.length_c   146.675
_cell.angle_alpha   90.00
_cell.angle_beta   90.00
_cell.angle_gamma   90.00
#
_symmetry.space_group_name_H-M   'P 21 21 21'
#
loop_
_entity.id
_entity.type
_entity.pdbx_description
1 polymer 'Dual specificity tyrosine-phosphorylation-regulated kinase 1A'
2 non-polymer (4P)-4-{(3M)-3-[3-fluoro-4-(4-methylpiperazin-1-yl)phenyl]-2-methyl-3H-imidazo[4,5-b]pyridin-5-yl}pyridin-2-amine
3 non-polymer 'TETRAETHYLENE GLYCOL'
4 non-polymer GLYCEROL
5 water water
#
_entity_poly.entity_id   1
_entity_poly.type   'polypeptide(L)'
_entity_poly.pdbx_seq_one_letter_code
;DSSHKKERKVYNDGYDDDNYDYIVKNGEKWMDRYEIDSLIGKGSFGQVVKAYDRVEQEWVAIKIIKNKKAFLNQAQIEVR
LLELMNKHDTEMKYYIVHLKRHFMFRNHLCLVFEMLSYNLYDLLRNTNFRGVSLNLTRKFAQQMCTALLFLATPELSIIH
CDLKPENILLCNPKRSAIKIVDFGSSCQLGQRIYQ(PTR)IQSRFYRSPEVLLGMPYDLAIDMWSLGCILVEMHTGEPLF
SGANEVDQMNKIVEVLGIPPAHILDQAPKARKFFEKLPDGTWNLKKTKDGKREYKPPGTRKLHNILGVETGGPGGRRAGE
SGHTVADYLKFKDLILRMLDYDPKTRIQPYYALQHSFFKKTADEGTNTS
;
_entity_poly.pdbx_strand_id   A,B
#
# COMPACT_ATOMS: atom_id res chain seq x y z
N TYR A 11 17.65 11.60 -0.11
CA TYR A 11 17.38 10.26 0.46
C TYR A 11 17.51 10.30 1.97
N ASN A 12 16.48 10.85 2.65
CA ASN A 12 16.20 10.63 4.07
C ASN A 12 17.47 10.80 4.90
N ASP A 13 18.04 12.01 4.85
CA ASP A 13 19.16 12.36 5.71
C ASP A 13 20.38 11.50 5.37
N GLY A 14 20.44 10.97 4.13
CA GLY A 14 21.52 10.09 3.66
C GLY A 14 21.13 8.60 3.51
N TYR A 15 20.16 8.13 4.31
CA TYR A 15 20.06 6.71 4.67
C TYR A 15 19.35 5.84 3.63
N ASP A 16 18.85 6.40 2.52
CA ASP A 16 18.02 5.63 1.60
C ASP A 16 18.73 5.48 0.26
N ASP A 17 18.45 4.38 -0.46
CA ASP A 17 18.86 4.25 -1.85
C ASP A 17 17.72 4.78 -2.73
N ASP A 18 17.82 4.53 -4.04
CA ASP A 18 16.96 5.11 -5.04
C ASP A 18 15.71 4.24 -5.22
N ASN A 19 15.64 3.14 -4.46
CA ASN A 19 14.43 2.32 -4.38
C ASN A 19 13.75 2.52 -3.03
N TYR A 20 14.20 3.52 -2.28
CA TYR A 20 13.60 3.92 -1.02
C TYR A 20 13.85 2.83 0.02
N ASP A 21 14.87 2.02 -0.23
CA ASP A 21 15.36 1.09 0.76
C ASP A 21 16.33 1.79 1.69
N TYR A 22 16.31 1.35 2.95
CA TYR A 22 17.36 1.65 3.88
C TYR A 22 18.65 1.02 3.37
N ILE A 23 19.71 1.80 3.32
CA ILE A 23 20.99 1.26 2.93
C ILE A 23 21.59 0.65 4.19
N VAL A 24 21.66 -0.69 4.19
CA VAL A 24 22.16 -1.40 5.34
C VAL A 24 23.66 -1.16 5.44
N LYS A 25 24.07 -0.82 6.67
CA LYS A 25 25.44 -0.85 7.11
C LYS A 25 25.63 -1.96 8.16
N ASN A 26 26.41 -2.96 7.78
CA ASN A 26 26.72 -4.10 8.63
C ASN A 26 27.38 -3.60 9.90
N GLY A 27 26.90 -4.03 11.07
CA GLY A 27 27.50 -3.66 12.34
C GLY A 27 26.86 -2.44 12.98
N GLU A 28 26.01 -1.70 12.27
CA GLU A 28 25.29 -0.58 12.84
C GLU A 28 24.48 -1.06 14.04
N LYS A 29 24.42 -0.24 15.11
CA LYS A 29 23.52 -0.48 16.22
C LYS A 29 22.38 0.49 16.10
N TRP A 30 21.16 0.02 16.41
CA TRP A 30 19.95 0.81 16.42
C TRP A 30 19.41 0.86 17.83
N MET A 31 19.13 2.08 18.30
CA MET A 31 18.32 2.30 19.48
C MET A 31 18.97 1.59 20.68
N ASP A 32 20.29 1.46 20.60
CA ASP A 32 21.08 0.81 21.62
C ASP A 32 20.51 -0.57 21.95
N ARG A 33 20.15 -1.34 20.91
CA ARG A 33 19.45 -2.58 21.17
C ARG A 33 19.75 -3.63 20.10
N TYR A 34 19.56 -3.24 18.83
CA TYR A 34 19.78 -4.13 17.71
C TYR A 34 21.13 -3.83 17.08
N GLU A 35 21.91 -4.89 16.83
CA GLU A 35 23.06 -4.80 15.96
C GLU A 35 22.68 -5.42 14.63
N ILE A 36 22.66 -4.61 13.58
CA ILE A 36 22.41 -5.12 12.26
C ILE A 36 23.64 -5.91 11.86
N ASP A 37 23.44 -7.14 11.40
CA ASP A 37 24.52 -7.99 10.96
C ASP A 37 24.73 -7.90 9.45
N SER A 38 23.63 -7.98 8.70
CA SER A 38 23.68 -8.22 7.28
C SER A 38 22.27 -8.23 6.70
N LEU A 39 22.21 -8.00 5.40
CA LEU A 39 20.99 -8.12 4.63
C LEU A 39 20.74 -9.62 4.45
N ILE A 40 19.53 -10.09 4.71
CA ILE A 40 19.19 -11.45 4.38
C ILE A 40 18.69 -11.49 2.93
N GLY A 41 17.70 -10.67 2.62
CA GLY A 41 17.12 -10.62 1.30
C GLY A 41 16.27 -9.37 1.10
N LYS A 42 15.95 -9.13 -0.16
CA LYS A 42 15.10 -8.02 -0.54
C LYS A 42 13.78 -8.61 -1.03
N GLY A 43 12.74 -7.78 -0.94
CA GLY A 43 11.52 -7.98 -1.69
C GLY A 43 10.91 -6.64 -2.05
N SER A 44 9.73 -6.67 -2.68
CA SER A 44 8.99 -5.50 -3.10
C SER A 44 8.91 -4.49 -1.98
N PHE A 45 8.66 -5.00 -0.78
CA PHE A 45 8.30 -4.20 0.36
C PHE A 45 9.50 -3.48 0.93
N GLY A 46 10.69 -3.97 0.60
CA GLY A 46 11.92 -3.50 1.21
C GLY A 46 12.91 -4.64 1.45
N GLN A 47 13.43 -4.71 2.67
CA GLN A 47 14.53 -5.59 2.99
C GLN A 47 14.22 -6.36 4.27
N VAL A 48 14.86 -7.51 4.41
CA VAL A 48 14.88 -8.18 5.68
C VAL A 48 16.34 -8.29 6.08
N VAL A 49 16.65 -7.81 7.28
CA VAL A 49 18.03 -7.89 7.73
C VAL A 49 18.06 -8.80 8.93
N LYS A 50 19.24 -9.39 9.13
CA LYS A 50 19.58 -10.14 10.32
C LYS A 50 20.14 -9.16 11.35
N ALA A 51 19.59 -9.21 12.55
CA ALA A 51 20.04 -8.34 13.61
C ALA A 51 20.16 -9.16 14.87
N TYR A 52 21.07 -8.74 15.75
CA TYR A 52 21.09 -9.27 17.09
C TYR A 52 20.38 -8.30 18.01
N ASP A 53 19.39 -8.81 18.74
CA ASP A 53 18.74 -8.06 19.79
C ASP A 53 19.49 -8.31 21.09
N ARG A 54 20.29 -7.32 21.49
CA ARG A 54 21.03 -7.34 22.75
C ARG A 54 20.10 -7.55 23.95
N VAL A 55 18.85 -7.09 23.84
CA VAL A 55 17.98 -7.01 25.00
C VAL A 55 17.33 -8.37 25.27
N GLU A 56 16.84 -9.02 24.21
CA GLU A 56 16.24 -10.34 24.33
C GLU A 56 17.31 -11.43 24.13
N GLN A 57 18.51 -11.03 23.67
CA GLN A 57 19.64 -11.92 23.43
C GLN A 57 19.24 -12.96 22.40
N GLU A 58 18.87 -12.51 21.21
CA GLU A 58 18.43 -13.44 20.19
C GLU A 58 18.54 -12.74 18.85
N TRP A 59 18.77 -13.54 17.82
CA TRP A 59 18.71 -13.06 16.46
C TRP A 59 17.26 -12.79 16.09
N VAL A 60 17.06 -11.74 15.31
CA VAL A 60 15.76 -11.39 14.82
C VAL A 60 15.93 -11.03 13.36
N ALA A 61 14.85 -11.18 12.60
CA ALA A 61 14.81 -10.77 11.21
C ALA A 61 13.96 -9.50 11.19
N ILE A 62 14.57 -8.40 10.80
CA ILE A 62 13.90 -7.12 10.78
C ILE A 62 13.54 -6.82 9.35
N LYS A 63 12.24 -6.73 9.14
CA LYS A 63 11.70 -6.34 7.85
C LYS A 63 11.67 -4.82 7.87
N ILE A 64 12.57 -4.22 7.08
CA ILE A 64 12.68 -2.80 6.92
C ILE A 64 11.90 -2.44 5.65
N ILE A 65 10.76 -1.81 5.88
CA ILE A 65 9.86 -1.43 4.82
C ILE A 65 10.48 -0.25 4.12
N LYS A 66 10.36 -0.21 2.80
CA LYS A 66 10.69 0.95 2.00
C LYS A 66 10.05 2.22 2.59
N ASN A 67 10.79 3.32 2.49
CA ASN A 67 10.33 4.65 2.84
C ASN A 67 9.50 5.17 1.68
N LYS A 68 8.34 4.55 1.51
CA LYS A 68 7.38 4.87 0.47
C LYS A 68 6.02 4.60 1.10
N LYS A 69 5.08 5.53 0.93
CA LYS A 69 3.77 5.46 1.56
C LYS A 69 3.08 4.12 1.29
N ALA A 70 3.09 3.66 0.03
CA ALA A 70 2.33 2.47 -0.30
C ALA A 70 2.87 1.28 0.49
N PHE A 71 4.18 1.17 0.64
CA PHE A 71 4.76 0.07 1.40
C PHE A 71 4.55 0.27 2.88
N LEU A 72 4.67 1.51 3.33
CA LEU A 72 4.47 1.81 4.73
C LEU A 72 3.04 1.43 5.14
N ASN A 73 2.08 1.81 4.30
CA ASN A 73 0.67 1.57 4.58
C ASN A 73 0.36 0.09 4.53
N GLN A 74 0.89 -0.63 3.53
CA GLN A 74 0.75 -2.08 3.46
C GLN A 74 1.32 -2.75 4.72
N ALA A 75 2.49 -2.30 5.18
CA ALA A 75 3.14 -2.86 6.35
C ALA A 75 2.34 -2.56 7.62
N GLN A 76 1.62 -1.42 7.64
CA GLN A 76 0.80 -1.11 8.80
C GLN A 76 -0.39 -2.06 8.85
N ILE A 77 -0.93 -2.42 7.69
CA ILE A 77 -1.96 -3.44 7.63
C ILE A 77 -1.36 -4.76 8.09
N GLU A 78 -0.15 -5.09 7.62
CA GLU A 78 0.52 -6.31 8.04
C GLU A 78 0.69 -6.33 9.56
N VAL A 79 1.13 -5.22 10.16
CA VAL A 79 1.30 -5.21 11.60
C VAL A 79 -0.03 -5.50 12.26
N ARG A 80 -1.09 -4.83 11.78
CA ARG A 80 -2.38 -5.01 12.44
C ARG A 80 -2.79 -6.48 12.42
N LEU A 81 -2.63 -7.14 11.27
CA LEU A 81 -3.08 -8.51 11.15
C LEU A 81 -2.21 -9.44 12.00
N LEU A 82 -0.89 -9.23 12.01
CA LEU A 82 0.01 -10.03 12.80
C LEU A 82 -0.29 -9.91 14.28
N GLU A 83 -0.54 -8.68 14.75
CA GLU A 83 -0.89 -8.47 16.13
C GLU A 83 -2.20 -9.16 16.47
N LEU A 84 -3.16 -9.10 15.56
CA LEU A 84 -4.40 -9.81 15.75
C LEU A 84 -4.12 -11.30 15.87
N MET A 85 -3.33 -11.84 14.95
CA MET A 85 -3.03 -13.27 14.98
C MET A 85 -2.36 -13.61 16.31
N ASN A 86 -1.55 -12.68 16.83
CA ASN A 86 -0.84 -12.86 18.09
C ASN A 86 -1.74 -12.95 19.31
N LYS A 87 -2.82 -12.18 19.34
CA LYS A 87 -3.77 -12.26 20.43
C LYS A 87 -4.26 -13.70 20.55
N HIS A 88 -4.14 -14.53 19.51
CA HIS A 88 -4.58 -15.91 19.58
C HIS A 88 -3.40 -16.85 19.87
N ASP A 89 -2.42 -16.87 18.94
CA ASP A 89 -1.39 -17.89 18.83
C ASP A 89 -0.17 -17.59 19.71
N THR A 90 -0.37 -17.37 21.04
CA THR A 90 0.71 -16.98 21.94
C THR A 90 1.77 -18.08 22.14
N GLU A 91 1.41 -19.35 21.90
CA GLU A 91 2.35 -20.46 21.97
C GLU A 91 2.95 -20.78 20.59
N MET A 92 2.62 -19.95 19.59
CA MET A 92 3.22 -19.99 18.26
C MET A 92 2.98 -21.37 17.61
N LYS A 93 1.82 -21.97 17.95
CA LYS A 93 1.42 -23.30 17.51
C LYS A 93 1.05 -23.37 16.02
N TYR A 94 0.63 -22.25 15.41
CA TYR A 94 -0.15 -22.40 14.20
C TYR A 94 0.57 -21.83 12.98
N TYR A 95 1.92 -21.80 13.01
CA TYR A 95 2.65 -21.80 11.76
C TYR A 95 2.61 -20.43 11.10
N ILE A 96 2.39 -19.36 11.87
CA ILE A 96 2.47 -18.00 11.33
C ILE A 96 3.70 -17.35 11.98
N VAL A 97 4.48 -16.62 11.18
CA VAL A 97 5.68 -15.98 11.69
C VAL A 97 5.27 -15.03 12.82
N HIS A 98 6.09 -15.04 13.89
CA HIS A 98 5.82 -14.22 15.05
C HIS A 98 6.41 -12.82 14.89
N LEU A 99 5.54 -11.81 14.88
CA LEU A 99 5.96 -10.41 14.95
C LEU A 99 6.18 -10.07 16.42
N LYS A 100 7.41 -9.67 16.73
CA LYS A 100 7.84 -9.42 18.08
C LYS A 100 7.47 -7.99 18.48
N ARG A 101 7.70 -7.06 17.55
CA ARG A 101 7.43 -5.67 17.76
C ARG A 101 7.73 -4.95 16.47
N HIS A 102 7.36 -3.68 16.45
CA HIS A 102 7.58 -2.86 15.29
C HIS A 102 7.96 -1.48 15.79
N PHE A 103 8.69 -0.76 14.96
CA PHE A 103 9.02 0.61 15.29
C PHE A 103 9.39 1.30 13.99
N MET A 104 9.22 2.62 14.04
CA MET A 104 9.69 3.48 12.98
C MET A 104 11.14 3.81 13.31
N PHE A 105 12.01 3.72 12.32
CA PHE A 105 13.40 4.03 12.56
C PHE A 105 13.95 4.59 11.27
N ARG A 106 14.48 5.81 11.35
CA ARG A 106 15.06 6.53 10.24
C ARG A 106 14.12 6.51 9.04
N ASN A 107 12.85 6.78 9.31
CA ASN A 107 11.83 6.95 8.29
C ASN A 107 11.47 5.63 7.64
N HIS A 108 11.76 4.51 8.31
CA HIS A 108 11.39 3.20 7.80
C HIS A 108 10.65 2.48 8.91
N LEU A 109 9.50 1.93 8.57
CA LEU A 109 8.81 1.07 9.50
C LEU A 109 9.57 -0.24 9.55
N CYS A 110 9.79 -0.72 10.77
CA CYS A 110 10.57 -1.91 10.96
C CYS A 110 9.73 -2.92 11.71
N LEU A 111 9.57 -4.07 11.09
CA LEU A 111 8.87 -5.15 11.75
C LEU A 111 9.89 -6.19 12.21
N VAL A 112 9.87 -6.45 13.50
CA VAL A 112 10.86 -7.34 14.08
C VAL A 112 10.21 -8.71 14.21
N PHE A 113 10.78 -9.68 13.49
CA PHE A 113 10.28 -11.04 13.49
C PHE A 113 11.29 -11.96 14.14
N GLU A 114 10.75 -13.07 14.60
CA GLU A 114 11.58 -14.22 14.88
C GLU A 114 12.39 -14.55 13.62
N MET A 115 13.58 -15.09 13.86
CA MET A 115 14.44 -15.46 12.76
C MET A 115 13.98 -16.81 12.24
N LEU A 116 13.76 -16.93 10.94
CA LEU A 116 13.43 -18.22 10.32
C LEU A 116 14.59 -18.62 9.40
N SER A 117 14.28 -19.30 8.29
CA SER A 117 15.31 -19.85 7.44
C SER A 117 14.88 -19.71 5.98
N TYR A 118 15.33 -20.64 5.12
CA TYR A 118 15.09 -20.55 3.69
C TYR A 118 13.60 -20.63 3.40
N ASN A 119 13.18 -19.91 2.36
CA ASN A 119 11.82 -20.08 1.88
C ASN A 119 11.78 -21.34 1.00
N LEU A 120 10.55 -21.79 0.73
CA LEU A 120 10.35 -23.04 -0.01
C LEU A 120 10.74 -22.93 -1.47
N TYR A 121 10.71 -21.72 -2.02
CA TYR A 121 11.24 -21.53 -3.37
C TYR A 121 12.73 -21.88 -3.41
N ASP A 122 13.47 -21.32 -2.45
CA ASP A 122 14.89 -21.58 -2.36
C ASP A 122 15.15 -23.06 -2.07
N LEU A 123 14.29 -23.71 -1.30
CA LEU A 123 14.40 -25.13 -1.14
C LEU A 123 14.23 -25.83 -2.50
N LEU A 124 13.23 -25.41 -3.27
CA LEU A 124 13.03 -26.00 -4.59
C LEU A 124 14.25 -25.74 -5.46
N ARG A 125 14.81 -24.54 -5.36
CA ARG A 125 16.01 -24.22 -6.11
C ARG A 125 17.14 -25.19 -5.76
N ASN A 126 17.27 -25.57 -4.49
CA ASN A 126 18.32 -26.50 -4.09
C ASN A 126 18.03 -27.93 -4.58
N THR A 127 16.79 -28.24 -4.92
CA THR A 127 16.51 -29.52 -5.57
C THR A 127 16.73 -29.41 -7.09
N ASN A 128 17.19 -28.25 -7.57
CA ASN A 128 17.29 -27.99 -8.99
C ASN A 128 15.92 -28.06 -9.65
N PHE A 129 14.89 -27.62 -8.91
CA PHE A 129 13.53 -27.58 -9.41
C PHE A 129 13.07 -28.95 -9.87
N ARG A 130 13.35 -29.97 -9.04
CA ARG A 130 12.95 -31.34 -9.31
C ARG A 130 12.09 -31.86 -8.19
N GLY A 131 11.98 -31.09 -7.12
CA GLY A 131 11.00 -31.36 -6.09
C GLY A 131 11.61 -31.96 -4.84
N VAL A 132 10.82 -31.86 -3.76
CA VAL A 132 11.14 -32.57 -2.53
C VAL A 132 10.25 -33.79 -2.49
N SER A 133 10.59 -34.71 -1.57
CA SER A 133 9.88 -35.96 -1.43
C SER A 133 8.41 -35.72 -1.14
N LEU A 134 7.59 -36.71 -1.46
CA LEU A 134 6.20 -36.67 -1.10
C LEU A 134 6.07 -36.64 0.43
N ASN A 135 7.00 -37.28 1.13
CA ASN A 135 6.97 -37.30 2.58
C ASN A 135 7.16 -35.89 3.13
N LEU A 136 8.09 -35.15 2.54
CA LEU A 136 8.32 -33.78 2.97
C LEU A 136 7.14 -32.92 2.54
N THR A 137 6.68 -33.17 1.32
CA THR A 137 5.53 -32.44 0.79
C THR A 137 4.37 -32.60 1.77
N ARG A 138 4.21 -33.82 2.30
CA ARG A 138 3.10 -34.10 3.20
C ARG A 138 3.27 -33.30 4.49
N LYS A 139 4.50 -33.23 5.02
CA LYS A 139 4.75 -32.43 6.20
C LYS A 139 4.43 -30.96 5.96
N PHE A 140 4.92 -30.40 4.86
CA PHE A 140 4.55 -29.03 4.55
C PHE A 140 3.04 -28.89 4.43
N ALA A 141 2.38 -29.85 3.77
CA ALA A 141 0.96 -29.74 3.52
C ALA A 141 0.19 -29.71 4.84
N GLN A 142 0.63 -30.56 5.78
CA GLN A 142 -0.09 -30.68 7.03
C GLN A 142 0.04 -29.39 7.82
N GLN A 143 1.22 -28.80 7.77
CA GLN A 143 1.44 -27.58 8.50
C GLN A 143 0.64 -26.46 7.85
N MET A 144 0.65 -26.41 6.51
CA MET A 144 0.01 -25.34 5.81
C MET A 144 -1.49 -25.44 6.01
N CYS A 145 -2.03 -26.66 6.04
CA CYS A 145 -3.46 -26.80 6.24
C CYS A 145 -3.82 -26.37 7.65
N THR A 146 -2.92 -26.61 8.60
CA THR A 146 -3.16 -26.23 9.97
C THR A 146 -3.09 -24.71 10.04
N ALA A 147 -2.12 -24.12 9.35
CA ALA A 147 -2.05 -22.67 9.31
C ALA A 147 -3.33 -22.06 8.74
N LEU A 148 -3.87 -22.65 7.65
CA LEU A 148 -5.10 -22.14 7.06
C LEU A 148 -6.25 -22.33 8.03
N LEU A 149 -6.26 -23.47 8.72
CA LEU A 149 -7.23 -23.72 9.78
C LEU A 149 -7.22 -22.59 10.79
N PHE A 150 -6.02 -22.19 11.21
CA PHE A 150 -5.85 -21.09 12.12
C PHE A 150 -6.36 -19.78 11.55
N LEU A 151 -5.96 -19.46 10.33
CA LEU A 151 -6.35 -18.17 9.77
C LEU A 151 -7.87 -18.07 9.66
N ALA A 152 -8.54 -19.22 9.48
CA ALA A 152 -9.97 -19.22 9.26
C ALA A 152 -10.72 -19.18 10.58
N THR A 153 -10.03 -19.20 11.73
CA THR A 153 -10.74 -18.99 12.97
C THR A 153 -11.55 -17.70 12.82
N PRO A 154 -12.83 -17.74 13.23
CA PRO A 154 -13.75 -16.62 12.98
C PRO A 154 -13.20 -15.24 13.34
N GLU A 155 -12.57 -15.12 14.52
CA GLU A 155 -12.11 -13.80 14.98
C GLU A 155 -10.98 -13.27 14.12
N LEU A 156 -10.35 -14.14 13.34
CA LEU A 156 -9.30 -13.69 12.44
C LEU A 156 -9.88 -13.59 11.03
N SER A 157 -10.34 -14.71 10.48
CA SER A 157 -10.89 -14.73 9.14
C SER A 157 -9.95 -14.06 8.16
N ILE A 158 -8.67 -14.43 8.23
CA ILE A 158 -7.64 -13.76 7.48
C ILE A 158 -7.40 -14.55 6.21
N ILE A 159 -7.42 -13.82 5.10
CA ILE A 159 -7.03 -14.33 3.81
C ILE A 159 -5.63 -13.82 3.57
N HIS A 160 -4.67 -14.73 3.45
CA HIS A 160 -3.29 -14.33 3.25
C HIS A 160 -3.15 -13.55 1.94
N CYS A 161 -3.68 -14.13 0.86
CA CYS A 161 -3.78 -13.56 -0.46
C CYS A 161 -2.46 -13.56 -1.23
N ASP A 162 -1.40 -14.13 -0.70
CA ASP A 162 -0.22 -14.19 -1.52
C ASP A 162 0.58 -15.40 -1.12
N LEU A 163 -0.11 -16.52 -0.92
CA LEU A 163 0.64 -17.74 -0.65
C LEU A 163 1.36 -18.13 -1.93
N LYS A 164 2.63 -18.49 -1.73
CA LYS A 164 3.49 -18.97 -2.78
C LYS A 164 4.72 -19.48 -2.06
N PRO A 165 5.57 -20.27 -2.74
CA PRO A 165 6.71 -20.89 -2.06
C PRO A 165 7.59 -19.89 -1.31
N GLU A 166 7.76 -18.68 -1.88
CA GLU A 166 8.62 -17.65 -1.30
C GLU A 166 8.09 -17.16 0.05
N ASN A 167 6.79 -17.36 0.29
CA ASN A 167 6.18 -16.83 1.49
C ASN A 167 5.96 -17.93 2.51
N ILE A 168 6.59 -19.08 2.29
CA ILE A 168 6.59 -20.13 3.27
C ILE A 168 8.04 -20.42 3.63
N LEU A 169 8.38 -20.30 4.90
CA LEU A 169 9.76 -20.38 5.31
C LEU A 169 9.94 -21.57 6.24
N LEU A 170 11.05 -22.27 6.03
CA LEU A 170 11.58 -23.18 7.03
C LEU A 170 11.90 -22.37 8.26
N CYS A 171 11.58 -22.93 9.43
CA CYS A 171 11.98 -22.34 10.69
C CYS A 171 13.49 -22.48 10.83
N ASN A 172 14.03 -23.62 10.42
CA ASN A 172 15.46 -23.73 10.34
C ASN A 172 15.91 -24.78 9.35
N PRO A 173 17.20 -24.78 8.96
CA PRO A 173 17.61 -25.59 7.81
C PRO A 173 17.64 -27.11 8.01
N LYS A 174 17.36 -27.64 9.21
CA LYS A 174 17.45 -29.09 9.41
C LYS A 174 16.12 -29.70 9.83
N ARG A 175 15.06 -28.91 9.91
CA ARG A 175 13.78 -29.44 10.34
C ARG A 175 12.79 -29.11 9.24
N SER A 176 11.61 -29.73 9.30
CA SER A 176 10.62 -29.58 8.26
C SER A 176 9.57 -28.56 8.69
N ALA A 177 9.78 -27.97 9.87
CA ALA A 177 8.85 -26.98 10.38
C ALA A 177 8.91 -25.76 9.47
N ILE A 178 7.71 -25.22 9.22
CA ILE A 178 7.57 -24.06 8.39
C ILE A 178 6.64 -23.05 9.04
N LYS A 179 6.73 -21.81 8.55
CA LYS A 179 5.78 -20.77 8.89
C LYS A 179 5.45 -19.93 7.67
N ILE A 180 4.26 -19.37 7.65
CA ILE A 180 3.87 -18.42 6.62
C ILE A 180 4.38 -17.04 7.00
N VAL A 181 4.82 -16.30 6.00
CA VAL A 181 5.22 -14.92 6.20
C VAL A 181 4.43 -14.04 5.22
N ASP A 182 4.51 -12.75 5.52
CA ASP A 182 4.16 -11.67 4.62
C ASP A 182 2.66 -11.55 4.47
N PHE A 183 2.09 -10.74 5.37
CA PHE A 183 0.69 -10.47 5.36
C PHE A 183 0.44 -9.06 4.82
N GLY A 184 1.40 -8.55 4.04
CA GLY A 184 1.26 -7.25 3.41
C GLY A 184 0.01 -7.11 2.55
N SER A 185 -0.35 -8.20 1.85
CA SER A 185 -1.41 -8.17 0.85
C SER A 185 -2.67 -8.80 1.40
N SER A 186 -2.65 -9.10 2.70
CA SER A 186 -3.69 -9.89 3.34
C SER A 186 -4.89 -9.01 3.70
N CYS A 187 -5.99 -9.67 3.98
CA CYS A 187 -7.20 -8.97 4.37
C CYS A 187 -8.06 -9.94 5.16
N GLN A 188 -9.16 -9.43 5.67
CA GLN A 188 -10.15 -10.25 6.31
C GLN A 188 -11.37 -10.40 5.42
N LEU A 189 -12.04 -11.53 5.65
CA LEU A 189 -13.21 -11.94 4.92
C LEU A 189 -14.22 -10.79 4.87
N GLY A 190 -14.81 -10.61 3.69
CA GLY A 190 -15.80 -9.57 3.48
C GLY A 190 -15.17 -8.31 2.88
N GLN A 191 -13.85 -8.17 3.05
CA GLN A 191 -13.13 -7.18 2.27
C GLN A 191 -12.97 -7.75 0.85
N ARG A 192 -13.37 -6.94 -0.13
CA ARG A 192 -13.48 -7.35 -1.53
C ARG A 192 -12.89 -6.28 -2.44
N ILE A 193 -12.34 -5.21 -1.85
CA ILE A 193 -11.82 -4.04 -2.55
C ILE A 193 -10.62 -4.47 -3.40
N TYR A 194 -9.80 -5.35 -2.83
CA TYR A 194 -8.71 -5.98 -3.54
C TYR A 194 -9.25 -6.86 -4.69
N GLN A 195 -8.61 -6.80 -5.89
CA GLN A 195 -8.88 -7.64 -7.06
C GLN A 195 -7.58 -7.76 -7.89
N ILE A 197 -5.52 -9.87 -7.16
CA ILE A 197 -4.75 -10.21 -5.93
C ILE A 197 -4.22 -11.61 -6.12
N GLN A 198 -3.29 -11.97 -5.25
CA GLN A 198 -2.59 -13.24 -5.28
C GLN A 198 -1.51 -13.15 -6.34
N SER A 199 -0.47 -13.96 -6.18
CA SER A 199 0.55 -14.05 -7.19
C SER A 199 0.00 -14.93 -8.30
N ARG A 200 0.31 -14.55 -9.53
CA ARG A 200 -0.39 -15.09 -10.69
C ARG A 200 -0.42 -16.62 -10.70
N PHE A 201 0.72 -17.28 -10.51
CA PHE A 201 0.74 -18.74 -10.59
C PHE A 201 -0.21 -19.39 -9.60
N TYR A 202 -0.50 -18.68 -8.50
CA TYR A 202 -1.21 -19.23 -7.36
C TYR A 202 -2.58 -18.57 -7.21
N ARG A 203 -2.96 -17.81 -8.24
CA ARG A 203 -4.20 -17.07 -8.23
C ARG A 203 -5.36 -18.01 -8.53
N SER A 204 -6.36 -17.92 -7.66
CA SER A 204 -7.57 -18.71 -7.73
C SER A 204 -8.44 -18.31 -8.91
N PRO A 205 -9.23 -19.24 -9.45
CA PRO A 205 -10.15 -18.96 -10.54
C PRO A 205 -11.11 -17.83 -10.19
N GLU A 206 -11.61 -17.81 -8.96
CA GLU A 206 -12.59 -16.80 -8.60
C GLU A 206 -11.96 -15.41 -8.74
N VAL A 207 -10.67 -15.28 -8.38
CA VAL A 207 -9.99 -14.01 -8.49
C VAL A 207 -9.65 -13.74 -9.95
N LEU A 208 -9.20 -14.77 -10.66
CA LEU A 208 -9.01 -14.58 -12.10
C LEU A 208 -10.30 -14.10 -12.74
N LEU A 209 -11.45 -14.58 -12.24
CA LEU A 209 -12.74 -14.31 -12.84
C LEU A 209 -13.40 -13.03 -12.35
N GLY A 210 -12.74 -12.38 -11.37
CA GLY A 210 -13.25 -11.15 -10.79
C GLY A 210 -14.47 -11.38 -9.92
N MET A 211 -14.55 -12.55 -9.31
CA MET A 211 -15.69 -12.88 -8.48
C MET A 211 -15.39 -12.62 -7.01
N PRO A 212 -16.44 -12.59 -6.17
CA PRO A 212 -16.25 -12.50 -4.72
C PRO A 212 -15.34 -13.65 -4.34
N TYR A 213 -14.54 -13.41 -3.30
CA TYR A 213 -13.63 -14.43 -2.86
C TYR A 213 -13.62 -14.45 -1.34
N ASP A 214 -13.08 -15.55 -0.84
CA ASP A 214 -13.03 -15.79 0.58
C ASP A 214 -11.73 -16.52 0.88
N LEU A 215 -11.68 -17.18 2.05
CA LEU A 215 -10.44 -17.79 2.51
C LEU A 215 -10.04 -18.97 1.63
N ALA A 216 -11.01 -19.51 0.86
CA ALA A 216 -10.76 -20.59 -0.05
C ALA A 216 -9.70 -20.25 -1.10
N ILE A 217 -9.44 -18.95 -1.34
CA ILE A 217 -8.42 -18.61 -2.33
C ILE A 217 -7.07 -19.11 -1.85
N ASP A 218 -6.89 -19.18 -0.53
CA ASP A 218 -5.59 -19.55 0.00
C ASP A 218 -5.40 -21.05 -0.22
N MET A 219 -6.50 -21.79 -0.13
CA MET A 219 -6.45 -23.23 -0.32
C MET A 219 -6.11 -23.58 -1.77
N TRP A 220 -6.63 -22.79 -2.71
CA TRP A 220 -6.26 -22.94 -4.10
C TRP A 220 -4.75 -22.77 -4.25
N SER A 221 -4.22 -21.66 -3.73
CA SER A 221 -2.81 -21.41 -3.74
C SER A 221 -2.05 -22.60 -3.16
N LEU A 222 -2.54 -23.15 -2.06
CA LEU A 222 -1.80 -24.22 -1.40
C LEU A 222 -1.78 -25.45 -2.29
N GLY A 223 -2.90 -25.79 -2.93
CA GLY A 223 -2.91 -26.91 -3.86
C GLY A 223 -1.83 -26.74 -4.92
N CYS A 224 -1.77 -25.53 -5.52
CA CYS A 224 -0.73 -25.20 -6.48
C CYS A 224 0.67 -25.39 -5.90
N ILE A 225 0.87 -24.87 -4.68
CA ILE A 225 2.16 -24.96 -4.00
C ILE A 225 2.57 -26.40 -3.76
N LEU A 226 1.64 -27.23 -3.29
CA LEU A 226 2.02 -28.58 -2.90
C LEU A 226 2.47 -29.38 -4.10
N VAL A 227 1.82 -29.16 -5.25
CA VAL A 227 2.20 -29.87 -6.45
C VAL A 227 3.62 -29.44 -6.82
N GLU A 228 3.83 -28.15 -6.79
CA GLU A 228 5.12 -27.57 -7.10
C GLU A 228 6.22 -28.05 -6.17
N MET A 229 5.93 -28.17 -4.89
CA MET A 229 6.93 -28.63 -3.95
C MET A 229 7.43 -30.01 -4.37
N HIS A 230 6.53 -30.85 -4.88
CA HIS A 230 6.88 -32.22 -5.19
C HIS A 230 7.42 -32.35 -6.60
N THR A 231 6.90 -31.57 -7.55
CA THR A 231 7.41 -31.67 -8.92
C THR A 231 8.63 -30.77 -9.12
N GLY A 232 8.75 -29.72 -8.32
CA GLY A 232 9.82 -28.75 -8.43
C GLY A 232 9.46 -27.55 -9.31
N GLU A 233 8.30 -27.59 -9.93
CA GLU A 233 7.93 -26.68 -10.99
C GLU A 233 6.55 -26.10 -10.70
N PRO A 234 6.25 -24.82 -11.01
CA PRO A 234 4.92 -24.30 -10.83
C PRO A 234 3.93 -25.10 -11.67
N LEU A 235 2.82 -25.44 -11.04
CA LEU A 235 1.80 -26.24 -11.70
C LEU A 235 1.21 -25.46 -12.88
N PHE A 236 0.91 -24.19 -12.62
CA PHE A 236 0.24 -23.31 -13.55
C PHE A 236 1.07 -22.04 -13.70
N SER A 237 2.04 -22.08 -14.63
CA SER A 237 2.99 -21.00 -14.77
C SER A 237 2.59 -20.10 -15.94
N GLY A 238 1.50 -19.36 -15.76
CA GLY A 238 0.99 -18.45 -16.78
C GLY A 238 1.89 -17.23 -16.91
N ALA A 239 1.98 -16.71 -18.14
CA ALA A 239 2.78 -15.53 -18.44
C ALA A 239 1.92 -14.27 -18.31
N ASN A 240 0.64 -14.48 -18.05
CA ASN A 240 -0.34 -13.42 -17.88
C ASN A 240 -1.65 -14.10 -17.49
N GLU A 241 -2.71 -13.33 -17.23
CA GLU A 241 -3.91 -13.94 -16.69
C GLU A 241 -4.54 -14.92 -17.67
N VAL A 242 -4.56 -14.53 -18.95
CA VAL A 242 -5.15 -15.36 -19.99
C VAL A 242 -4.39 -16.68 -20.08
N ASP A 243 -3.05 -16.61 -20.08
CA ASP A 243 -2.24 -17.82 -20.15
C ASP A 243 -2.47 -18.63 -18.86
N GLN A 244 -2.67 -17.94 -17.75
CA GLN A 244 -2.86 -18.58 -16.46
C GLN A 244 -4.12 -19.42 -16.45
N MET A 245 -5.23 -18.78 -16.84
CA MET A 245 -6.50 -19.47 -16.89
C MET A 245 -6.43 -20.62 -17.89
N ASN A 246 -5.73 -20.42 -19.00
CA ASN A 246 -5.58 -21.46 -19.98
C ASN A 246 -4.82 -22.66 -19.42
N LYS A 247 -3.78 -22.37 -18.64
CA LYS A 247 -2.99 -23.44 -18.07
C LYS A 247 -3.80 -24.14 -16.99
N ILE A 248 -4.62 -23.38 -16.27
CA ILE A 248 -5.51 -24.01 -15.29
C ILE A 248 -6.48 -24.96 -16.01
N VAL A 249 -7.13 -24.46 -17.08
CA VAL A 249 -8.09 -25.23 -17.84
C VAL A 249 -7.45 -26.48 -18.45
N GLU A 250 -6.20 -26.36 -18.90
CA GLU A 250 -5.50 -27.51 -19.46
C GLU A 250 -5.62 -28.70 -18.51
N VAL A 251 -5.45 -28.41 -17.21
CA VAL A 251 -5.44 -29.47 -16.22
C VAL A 251 -6.86 -29.79 -15.75
N LEU A 252 -7.67 -28.77 -15.50
CA LEU A 252 -8.87 -28.98 -14.73
C LEU A 252 -10.14 -28.89 -15.57
N GLY A 253 -10.04 -28.51 -16.85
CA GLY A 253 -11.20 -28.42 -17.73
C GLY A 253 -11.85 -27.06 -17.61
N ILE A 254 -12.95 -26.89 -18.36
CA ILE A 254 -13.71 -25.65 -18.35
C ILE A 254 -14.34 -25.53 -16.98
N PRO A 255 -14.28 -24.36 -16.32
CA PRO A 255 -14.94 -24.21 -15.03
C PRO A 255 -16.42 -24.48 -15.14
N PRO A 256 -17.10 -24.85 -14.03
CA PRO A 256 -18.54 -25.02 -14.05
C PRO A 256 -19.27 -23.82 -14.65
N ALA A 257 -20.30 -24.10 -15.45
CA ALA A 257 -21.13 -23.07 -16.06
C ALA A 257 -21.72 -22.12 -15.00
N HIS A 258 -22.18 -22.67 -13.86
CA HIS A 258 -22.84 -21.84 -12.86
C HIS A 258 -21.87 -20.79 -12.35
N ILE A 259 -20.57 -21.08 -12.38
CA ILE A 259 -19.55 -20.13 -11.97
C ILE A 259 -19.33 -19.14 -13.10
N LEU A 260 -19.14 -19.64 -14.32
CA LEU A 260 -18.84 -18.77 -15.45
C LEU A 260 -19.99 -17.81 -15.74
N ASP A 261 -21.24 -18.23 -15.49
CA ASP A 261 -22.39 -17.38 -15.73
C ASP A 261 -22.41 -16.19 -14.77
N GLN A 262 -21.60 -16.28 -13.71
CA GLN A 262 -21.58 -15.32 -12.61
C GLN A 262 -20.30 -14.52 -12.64
N ALA A 263 -19.36 -14.86 -13.51
CA ALA A 263 -18.02 -14.29 -13.45
C ALA A 263 -17.98 -12.99 -14.24
N PRO A 264 -17.74 -11.82 -13.61
CA PRO A 264 -17.58 -10.59 -14.38
C PRO A 264 -16.48 -10.67 -15.45
N LYS A 265 -15.42 -11.47 -15.22
CA LYS A 265 -14.34 -11.55 -16.19
C LYS A 265 -14.40 -12.85 -16.99
N ALA A 266 -15.54 -13.55 -16.99
CA ALA A 266 -15.69 -14.75 -17.81
C ALA A 266 -15.12 -14.56 -19.23
N ARG A 267 -15.43 -13.42 -19.87
CA ARG A 267 -15.12 -13.27 -21.29
C ARG A 267 -13.68 -12.81 -21.48
N LYS A 268 -12.92 -12.62 -20.40
CA LYS A 268 -11.50 -12.43 -20.60
C LYS A 268 -10.90 -13.74 -21.14
N PHE A 269 -11.55 -14.87 -20.83
CA PHE A 269 -10.91 -16.16 -21.02
C PHE A 269 -11.78 -17.09 -21.87
N PHE A 270 -13.11 -16.90 -21.76
CA PHE A 270 -14.09 -17.86 -22.21
C PHE A 270 -15.09 -17.17 -23.11
N GLU A 271 -15.81 -17.95 -23.92
CA GLU A 271 -16.96 -17.46 -24.66
C GLU A 271 -18.00 -18.57 -24.68
N LYS A 272 -19.25 -18.24 -24.95
CA LYS A 272 -20.26 -19.27 -25.08
C LYS A 272 -20.30 -19.70 -26.54
N LEU A 273 -20.32 -21.00 -26.71
CA LEU A 273 -20.47 -21.59 -28.01
C LEU A 273 -21.94 -21.55 -28.40
N PRO A 274 -22.27 -21.78 -29.68
CA PRO A 274 -23.66 -21.78 -30.11
C PRO A 274 -24.57 -22.76 -29.37
N ASP A 275 -24.01 -23.77 -28.71
CA ASP A 275 -24.85 -24.67 -27.92
C ASP A 275 -25.02 -24.16 -26.50
N GLY A 276 -24.59 -22.92 -26.25
CA GLY A 276 -24.77 -22.28 -24.96
C GLY A 276 -23.79 -22.80 -23.90
N THR A 277 -22.74 -23.53 -24.31
CA THR A 277 -21.74 -24.00 -23.38
C THR A 277 -20.50 -23.10 -23.45
N TRP A 278 -19.74 -23.09 -22.35
CA TRP A 278 -18.58 -22.24 -22.24
C TRP A 278 -17.38 -22.99 -22.80
N ASN A 279 -16.48 -22.25 -23.48
CA ASN A 279 -15.21 -22.80 -23.89
C ASN A 279 -14.19 -21.67 -23.85
N LEU A 280 -12.92 -22.00 -24.01
CA LEU A 280 -11.85 -21.01 -24.12
C LEU A 280 -12.04 -20.15 -25.37
N LYS A 281 -11.57 -18.92 -25.31
CA LYS A 281 -11.42 -18.08 -26.49
C LYS A 281 -10.19 -18.46 -27.31
N LYS A 282 -9.11 -18.94 -26.67
CA LYS A 282 -7.92 -19.36 -27.42
C LYS A 282 -6.94 -20.10 -26.48
N GLU A 289 -1.03 -22.19 -29.01
CA GLU A 289 -2.09 -23.22 -28.81
C GLU A 289 -1.86 -23.88 -27.44
N TYR A 290 -2.93 -24.40 -26.83
CA TYR A 290 -2.87 -25.09 -25.56
C TYR A 290 -3.32 -26.54 -25.69
N LYS A 291 -2.98 -27.36 -24.69
CA LYS A 291 -3.58 -28.68 -24.60
C LYS A 291 -5.08 -28.45 -24.44
N PRO A 292 -5.92 -29.30 -25.02
CA PRO A 292 -7.36 -29.09 -24.91
C PRO A 292 -7.77 -29.17 -23.44
N PRO A 293 -8.89 -28.54 -23.04
CA PRO A 293 -9.30 -28.52 -21.64
C PRO A 293 -9.31 -29.90 -20.98
N GLY A 294 -8.68 -30.00 -19.82
CA GLY A 294 -8.77 -31.18 -18.98
C GLY A 294 -7.87 -32.31 -19.44
N THR A 295 -6.99 -32.04 -20.42
CA THR A 295 -6.22 -33.11 -21.01
C THR A 295 -4.81 -33.18 -20.44
N ARG A 296 -4.38 -32.19 -19.67
CA ARG A 296 -3.13 -32.30 -18.95
C ARG A 296 -3.45 -32.82 -17.55
N LYS A 297 -3.37 -34.13 -17.38
CA LYS A 297 -3.91 -34.77 -16.19
C LYS A 297 -2.91 -34.62 -15.06
N LEU A 298 -3.44 -34.28 -13.88
CA LEU A 298 -2.65 -34.26 -12.68
C LEU A 298 -2.08 -35.65 -12.42
N HIS A 299 -2.85 -36.68 -12.82
CA HIS A 299 -2.42 -38.06 -12.74
C HIS A 299 -1.00 -38.23 -13.30
N ASN A 300 -0.75 -37.54 -14.41
CA ASN A 300 0.51 -37.63 -15.13
C ASN A 300 1.54 -36.61 -14.64
N ILE A 301 1.08 -35.41 -14.29
CA ILE A 301 1.97 -34.43 -13.69
C ILE A 301 2.65 -35.02 -12.48
N LEU A 302 1.86 -35.67 -11.63
CA LEU A 302 2.38 -36.24 -10.41
C LEU A 302 3.08 -37.58 -10.66
N GLY A 303 2.87 -38.20 -11.83
CA GLY A 303 3.43 -39.52 -12.13
C GLY A 303 2.90 -40.62 -11.21
N VAL A 304 1.58 -40.58 -10.94
CA VAL A 304 0.94 -41.46 -9.98
C VAL A 304 1.41 -42.90 -10.21
N GLU A 305 1.36 -43.34 -11.46
CA GLU A 305 1.64 -44.72 -11.80
C GLU A 305 3.03 -44.87 -12.42
N THR A 306 3.79 -43.79 -12.58
CA THR A 306 5.00 -43.85 -13.38
C THR A 306 6.17 -43.32 -12.57
N GLY A 307 6.15 -43.59 -11.26
CA GLY A 307 7.31 -43.33 -10.41
C GLY A 307 7.42 -41.87 -9.99
N GLY A 308 6.28 -41.17 -9.88
CA GLY A 308 6.27 -39.77 -9.51
C GLY A 308 6.78 -38.81 -10.58
N PRO A 309 6.95 -37.51 -10.26
CA PRO A 309 7.28 -36.49 -11.25
C PRO A 309 8.53 -36.89 -12.03
N GLY A 310 8.41 -36.99 -13.37
CA GLY A 310 9.51 -37.40 -14.23
C GLY A 310 10.06 -38.78 -13.87
N GLY A 311 9.27 -39.63 -13.21
CA GLY A 311 9.71 -40.98 -12.89
C GLY A 311 10.81 -40.99 -11.82
N ARG A 312 11.08 -39.86 -11.16
CA ARG A 312 12.28 -39.74 -10.37
C ARG A 312 12.11 -40.36 -8.99
N ARG A 313 10.89 -40.77 -8.62
CA ARG A 313 10.65 -41.32 -7.30
C ARG A 313 10.43 -42.84 -7.38
N ALA A 314 10.67 -43.42 -8.56
CA ALA A 314 10.48 -44.85 -8.74
C ALA A 314 11.24 -45.62 -7.66
N GLY A 315 10.52 -46.46 -6.90
CA GLY A 315 11.11 -47.30 -5.86
C GLY A 315 11.11 -46.65 -4.48
N GLU A 316 11.31 -45.34 -4.39
CA GLU A 316 11.48 -44.68 -3.10
C GLU A 316 10.31 -45.01 -2.19
N SER A 317 10.65 -45.35 -0.95
CA SER A 317 9.67 -45.50 0.08
C SER A 317 8.76 -44.27 0.08
N GLY A 318 7.49 -44.50 0.42
CA GLY A 318 6.53 -43.44 0.61
C GLY A 318 6.04 -42.81 -0.69
N HIS A 319 6.38 -43.43 -1.84
CA HIS A 319 5.97 -42.90 -3.13
C HIS A 319 5.20 -43.94 -3.92
N THR A 320 4.30 -44.64 -3.24
CA THR A 320 3.51 -45.68 -3.86
C THR A 320 2.41 -45.05 -4.72
N VAL A 321 1.86 -45.90 -5.60
CA VAL A 321 0.69 -45.50 -6.35
C VAL A 321 -0.40 -45.08 -5.37
N ALA A 322 -0.64 -45.87 -4.30
CA ALA A 322 -1.65 -45.52 -3.31
C ALA A 322 -1.40 -44.14 -2.69
N ASP A 323 -0.12 -43.83 -2.43
CA ASP A 323 0.26 -42.54 -1.86
C ASP A 323 -0.06 -41.41 -2.84
N TYR A 324 0.29 -41.63 -4.10
CA TYR A 324 0.08 -40.61 -5.11
C TYR A 324 -1.41 -40.39 -5.35
N LEU A 325 -2.19 -41.47 -5.33
CA LEU A 325 -3.61 -41.33 -5.54
C LEU A 325 -4.24 -40.51 -4.43
N LYS A 326 -3.77 -40.71 -3.20
CA LYS A 326 -4.22 -39.93 -2.06
C LYS A 326 -3.82 -38.46 -2.22
N PHE A 327 -2.56 -38.26 -2.57
CA PHE A 327 -2.06 -36.92 -2.81
C PHE A 327 -2.86 -36.27 -3.94
N LYS A 328 -3.09 -36.99 -5.05
CA LYS A 328 -3.83 -36.42 -6.17
C LYS A 328 -5.23 -36.01 -5.75
N ASP A 329 -5.88 -36.88 -4.99
CA ASP A 329 -7.24 -36.62 -4.54
C ASP A 329 -7.25 -35.32 -3.74
N LEU A 330 -6.30 -35.20 -2.80
CA LEU A 330 -6.26 -34.03 -1.92
C LEU A 330 -6.07 -32.78 -2.77
N ILE A 331 -5.08 -32.83 -3.66
CA ILE A 331 -4.81 -31.73 -4.54
C ILE A 331 -6.04 -31.37 -5.37
N LEU A 332 -6.68 -32.35 -6.01
CA LEU A 332 -7.84 -32.01 -6.81
C LEU A 332 -8.91 -31.34 -5.95
N ARG A 333 -9.02 -31.75 -4.68
CA ARG A 333 -10.00 -31.15 -3.80
C ARG A 333 -9.63 -29.72 -3.43
N MET A 334 -8.33 -29.42 -3.39
CA MET A 334 -7.85 -28.08 -3.15
C MET A 334 -8.04 -27.22 -4.40
N LEU A 335 -8.05 -27.87 -5.57
CA LEU A 335 -8.11 -27.16 -6.83
C LEU A 335 -9.51 -27.27 -7.42
N ASP A 336 -10.48 -27.49 -6.54
CA ASP A 336 -11.87 -27.37 -6.93
C ASP A 336 -12.13 -25.96 -7.47
N TYR A 337 -12.72 -25.88 -8.65
CA TYR A 337 -13.10 -24.57 -9.18
C TYR A 337 -14.06 -23.84 -8.26
N ASP A 338 -14.88 -24.61 -7.56
CA ASP A 338 -15.99 -24.06 -6.80
C ASP A 338 -15.51 -23.77 -5.39
N PRO A 339 -15.35 -22.50 -5.00
CA PRO A 339 -14.81 -22.19 -3.68
C PRO A 339 -15.72 -22.64 -2.56
N LYS A 340 -17.00 -22.90 -2.86
CA LYS A 340 -17.92 -23.43 -1.86
C LYS A 340 -17.59 -24.89 -1.56
N THR A 341 -17.18 -25.68 -2.55
CA THR A 341 -16.92 -27.08 -2.32
C THR A 341 -15.43 -27.39 -2.20
N ARG A 342 -14.58 -26.40 -2.48
CA ARG A 342 -13.16 -26.60 -2.29
C ARG A 342 -12.92 -27.06 -0.85
N ILE A 343 -12.01 -28.01 -0.69
CA ILE A 343 -11.81 -28.62 0.60
C ILE A 343 -11.37 -27.54 1.59
N GLN A 344 -11.95 -27.59 2.78
CA GLN A 344 -11.60 -26.64 3.82
C GLN A 344 -10.47 -27.23 4.65
N PRO A 345 -9.72 -26.37 5.37
CA PRO A 345 -8.54 -26.80 6.12
C PRO A 345 -8.79 -28.01 7.02
N TYR A 346 -9.89 -28.01 7.78
CA TYR A 346 -10.13 -29.11 8.69
C TYR A 346 -10.18 -30.45 7.94
N TYR A 347 -10.97 -30.50 6.86
CA TYR A 347 -11.21 -31.72 6.11
C TYR A 347 -9.95 -32.07 5.33
N ALA A 348 -9.21 -31.07 4.88
CA ALA A 348 -7.91 -31.36 4.29
C ALA A 348 -7.08 -32.14 5.30
N LEU A 349 -7.13 -31.72 6.57
CA LEU A 349 -6.27 -32.36 7.55
C LEU A 349 -6.72 -33.79 7.82
N GLN A 350 -7.98 -34.10 7.56
CA GLN A 350 -8.49 -35.44 7.80
C GLN A 350 -8.33 -36.33 6.57
N HIS A 351 -7.87 -35.76 5.47
CA HIS A 351 -7.70 -36.52 4.27
C HIS A 351 -6.78 -37.72 4.50
N SER A 352 -7.04 -38.79 3.74
CA SER A 352 -6.29 -40.03 3.84
C SER A 352 -4.80 -39.79 3.55
N PHE A 353 -4.46 -38.76 2.77
CA PHE A 353 -3.07 -38.41 2.48
C PHE A 353 -2.28 -38.28 3.77
N PHE A 354 -2.94 -37.79 4.84
CA PHE A 354 -2.24 -37.54 6.08
C PHE A 354 -2.35 -38.71 7.05
N LYS A 355 -3.05 -39.81 6.74
CA LYS A 355 -3.00 -40.98 7.58
C LYS A 355 -1.65 -41.68 7.36
N VAL B 10 10.89 -7.95 -14.11
CA VAL B 10 10.83 -6.47 -14.37
C VAL B 10 10.33 -6.27 -15.80
N TYR B 11 9.29 -7.02 -16.18
CA TYR B 11 9.04 -7.34 -17.58
C TYR B 11 7.56 -7.11 -17.96
N ASN B 12 6.61 -7.93 -17.46
CA ASN B 12 5.22 -7.85 -17.89
C ASN B 12 5.15 -7.93 -19.41
N ASP B 13 5.80 -8.95 -19.99
CA ASP B 13 5.89 -9.08 -21.44
C ASP B 13 6.51 -7.85 -22.11
N GLY B 14 7.43 -7.15 -21.43
CA GLY B 14 8.09 -5.99 -22.01
C GLY B 14 7.34 -4.69 -21.77
N TYR B 15 6.17 -4.76 -21.12
CA TYR B 15 5.36 -3.55 -20.95
C TYR B 15 5.76 -2.78 -19.71
N ASP B 16 6.46 -3.44 -18.79
CA ASP B 16 6.84 -2.77 -17.56
C ASP B 16 8.34 -2.52 -17.53
N ASP B 17 8.70 -1.39 -16.90
CA ASP B 17 10.09 -1.09 -16.61
C ASP B 17 10.45 -1.67 -15.24
N ASP B 18 11.68 -1.37 -14.80
CA ASP B 18 12.27 -1.81 -13.55
C ASP B 18 11.53 -1.29 -12.33
N ASN B 19 10.79 -0.20 -12.51
CA ASN B 19 10.09 0.41 -11.40
C ASN B 19 8.65 -0.06 -11.36
N TYR B 20 8.34 -1.14 -12.09
CA TYR B 20 6.99 -1.71 -12.11
C TYR B 20 6.00 -0.77 -12.82
N ASP B 21 6.52 0.21 -13.57
CA ASP B 21 5.67 1.15 -14.28
C ASP B 21 5.40 0.64 -15.68
N TYR B 22 4.22 0.98 -16.18
CA TYR B 22 3.90 0.72 -17.56
C TYR B 22 4.76 1.63 -18.41
N ILE B 23 5.37 1.06 -19.44
CA ILE B 23 6.18 1.85 -20.33
C ILE B 23 5.24 2.50 -21.35
N VAL B 24 4.93 3.75 -21.07
CA VAL B 24 3.98 4.52 -21.85
C VAL B 24 4.54 4.68 -23.26
N LYS B 25 3.66 4.41 -24.21
CA LYS B 25 3.93 4.56 -25.62
C LYS B 25 2.91 5.54 -26.19
N ASN B 26 3.39 6.70 -26.64
CA ASN B 26 2.52 7.71 -27.24
C ASN B 26 1.80 7.09 -28.43
N GLY B 27 0.49 7.33 -28.52
CA GLY B 27 -0.29 6.90 -29.68
C GLY B 27 -0.94 5.54 -29.50
N GLU B 28 -0.58 4.79 -28.46
CA GLU B 28 -1.23 3.52 -28.18
C GLU B 28 -2.73 3.76 -28.00
N LYS B 29 -3.54 2.84 -28.49
CA LYS B 29 -4.99 2.92 -28.28
C LYS B 29 -5.40 1.78 -27.36
N TRP B 30 -6.08 2.12 -26.27
CA TRP B 30 -6.50 1.13 -25.31
C TRP B 30 -8.00 0.91 -25.45
N MET B 31 -8.38 -0.36 -25.62
CA MET B 31 -9.77 -0.79 -25.55
C MET B 31 -10.57 -0.07 -26.65
N ASP B 32 -9.91 0.24 -27.76
CA ASP B 32 -10.57 0.95 -28.85
C ASP B 32 -11.24 2.23 -28.36
N ARG B 33 -10.64 2.90 -27.37
CA ARG B 33 -11.33 4.03 -26.74
C ARG B 33 -10.37 5.14 -26.31
N TYR B 34 -9.31 4.78 -25.59
CA TYR B 34 -8.39 5.78 -25.06
C TYR B 34 -7.16 5.81 -25.95
N GLU B 35 -6.80 6.98 -26.43
CA GLU B 35 -5.60 7.12 -27.21
C GLU B 35 -4.58 7.82 -26.33
N ILE B 36 -3.47 7.13 -26.01
CA ILE B 36 -2.51 7.73 -25.09
C ILE B 36 -1.76 8.83 -25.82
N ASP B 37 -1.79 10.03 -25.24
CA ASP B 37 -1.14 11.18 -25.83
C ASP B 37 0.30 11.28 -25.34
N SER B 38 0.48 11.25 -24.02
CA SER B 38 1.78 11.55 -23.44
C SER B 38 1.74 11.19 -21.95
N LEU B 39 2.94 11.05 -21.40
CA LEU B 39 3.13 10.98 -19.98
C LEU B 39 3.09 12.40 -19.44
N ILE B 40 2.21 12.63 -18.48
CA ILE B 40 2.19 13.88 -17.77
C ILE B 40 3.29 13.88 -16.72
N GLY B 41 3.39 12.79 -15.97
CA GLY B 41 4.30 12.79 -14.86
C GLY B 41 4.22 11.47 -14.12
N LYS B 42 5.25 11.25 -13.30
CA LYS B 42 5.36 10.09 -12.46
C LYS B 42 5.14 10.53 -11.04
N GLY B 43 4.61 9.63 -10.24
CA GLY B 43 4.63 9.78 -8.79
C GLY B 43 5.02 8.44 -8.19
N SER B 44 4.95 8.35 -6.87
CA SER B 44 5.35 7.14 -6.17
C SER B 44 4.49 5.95 -6.59
N PHE B 45 3.22 6.23 -6.92
CA PHE B 45 2.23 5.20 -7.22
C PHE B 45 2.36 4.62 -8.63
N GLY B 46 3.11 5.30 -9.49
CA GLY B 46 3.13 5.01 -10.90
C GLY B 46 3.14 6.29 -11.72
N GLN B 47 2.22 6.37 -12.69
CA GLN B 47 2.30 7.42 -13.68
C GLN B 47 0.91 7.97 -13.97
N VAL B 48 0.88 9.18 -14.51
CA VAL B 48 -0.35 9.75 -15.02
C VAL B 48 -0.07 10.12 -16.47
N VAL B 49 -0.97 9.68 -17.36
CA VAL B 49 -0.85 9.95 -18.78
C VAL B 49 -2.04 10.79 -19.17
N LYS B 50 -1.79 11.65 -20.14
CA LYS B 50 -2.86 12.30 -20.85
C LYS B 50 -3.34 11.35 -21.95
N ALA B 51 -4.65 11.14 -22.01
CA ALA B 51 -5.23 10.25 -23.01
C ALA B 51 -6.46 10.94 -23.54
N TYR B 52 -6.77 10.68 -24.81
CA TYR B 52 -8.04 11.12 -25.35
C TYR B 52 -9.03 9.97 -25.23
N ASP B 53 -10.15 10.22 -24.59
CA ASP B 53 -11.24 9.26 -24.55
C ASP B 53 -12.14 9.53 -25.76
N ARG B 54 -12.13 8.63 -26.74
CA ARG B 54 -12.85 8.86 -27.98
C ARG B 54 -14.36 8.73 -27.77
N VAL B 55 -14.80 8.13 -26.66
CA VAL B 55 -16.21 7.91 -26.44
C VAL B 55 -16.82 9.17 -25.85
N GLU B 56 -16.23 9.64 -24.75
CA GLU B 56 -16.71 10.83 -24.09
C GLU B 56 -16.18 12.06 -24.81
N GLN B 57 -15.19 11.86 -25.70
CA GLN B 57 -14.57 12.95 -26.45
C GLN B 57 -14.02 14.02 -25.51
N GLU B 58 -13.06 13.61 -24.69
CA GLU B 58 -12.42 14.53 -23.80
C GLU B 58 -11.05 13.97 -23.47
N TRP B 59 -10.20 14.85 -22.99
CA TRP B 59 -8.97 14.43 -22.39
C TRP B 59 -9.29 13.84 -21.03
N VAL B 60 -8.50 12.84 -20.66
CA VAL B 60 -8.55 12.28 -19.33
C VAL B 60 -7.11 12.12 -18.92
N ALA B 61 -6.93 12.15 -17.62
CA ALA B 61 -5.67 11.82 -16.97
C ALA B 61 -5.86 10.41 -16.41
N ILE B 62 -5.08 9.48 -16.93
CA ILE B 62 -5.14 8.12 -16.47
C ILE B 62 -3.96 7.85 -15.57
N LYS B 63 -4.30 7.59 -14.32
CA LYS B 63 -3.33 7.21 -13.33
C LYS B 63 -3.08 5.70 -13.47
N ILE B 64 -1.91 5.40 -14.01
CA ILE B 64 -1.51 4.02 -14.25
C ILE B 64 -0.72 3.59 -13.04
N ILE B 65 -1.36 2.78 -12.22
CA ILE B 65 -0.76 2.32 -11.00
C ILE B 65 0.33 1.31 -11.34
N LYS B 66 1.44 1.37 -10.60
CA LYS B 66 2.47 0.38 -10.72
C LYS B 66 1.90 -1.03 -10.59
N ASN B 67 2.52 -1.93 -11.36
CA ASN B 67 2.19 -3.34 -11.32
C ASN B 67 2.91 -4.00 -10.13
N LYS B 68 2.42 -3.72 -8.94
CA LYS B 68 2.92 -4.33 -7.71
C LYS B 68 1.79 -4.24 -6.68
N LYS B 69 1.61 -5.28 -5.88
CA LYS B 69 0.40 -5.41 -5.09
C LYS B 69 0.29 -4.22 -4.14
N ALA B 70 1.39 -3.71 -3.57
CA ALA B 70 1.26 -2.64 -2.59
C ALA B 70 0.56 -1.44 -3.24
N PHE B 71 0.96 -1.13 -4.49
CA PHE B 71 0.40 0.02 -5.17
C PHE B 71 -1.00 -0.27 -5.66
N LEU B 72 -1.17 -1.47 -6.22
CA LEU B 72 -2.47 -1.95 -6.62
C LEU B 72 -3.46 -1.81 -5.46
N ASN B 73 -3.07 -2.31 -4.28
CA ASN B 73 -3.96 -2.37 -3.14
C ASN B 73 -4.24 -0.94 -2.65
N GLN B 74 -3.22 -0.09 -2.59
CA GLN B 74 -3.39 1.33 -2.24
C GLN B 74 -4.38 1.99 -3.20
N ALA B 75 -4.23 1.73 -4.49
CA ALA B 75 -5.10 2.37 -5.48
C ALA B 75 -6.54 1.87 -5.37
N GLN B 76 -6.71 0.61 -4.96
N GLN B 76 -6.73 0.62 -4.95
CA GLN B 76 -8.03 0.04 -4.75
CA GLN B 76 -8.07 0.11 -4.77
C GLN B 76 -8.72 0.77 -3.59
C GLN B 76 -8.74 0.81 -3.58
N ILE B 77 -7.97 1.07 -2.52
CA ILE B 77 -8.44 1.90 -1.41
C ILE B 77 -8.80 3.29 -1.93
N GLU B 78 -7.92 3.86 -2.76
CA GLU B 78 -8.19 5.14 -3.35
C GLU B 78 -9.51 5.11 -4.12
N VAL B 79 -9.67 4.09 -4.97
CA VAL B 79 -10.85 4.00 -5.81
C VAL B 79 -12.08 3.99 -4.92
N ARG B 80 -12.02 3.25 -3.80
CA ARG B 80 -13.20 3.13 -2.96
C ARG B 80 -13.58 4.49 -2.39
N LEU B 81 -12.59 5.26 -1.92
CA LEU B 81 -12.86 6.57 -1.35
C LEU B 81 -13.33 7.54 -2.41
N LEU B 82 -12.71 7.52 -3.60
CA LEU B 82 -13.13 8.40 -4.68
C LEU B 82 -14.57 8.13 -5.07
N GLU B 83 -14.92 6.86 -5.21
CA GLU B 83 -16.28 6.53 -5.59
C GLU B 83 -17.26 7.02 -4.53
N LEU B 84 -16.88 6.91 -3.26
CA LEU B 84 -17.74 7.37 -2.19
C LEU B 84 -17.87 8.89 -2.27
N MET B 85 -16.77 9.59 -2.50
CA MET B 85 -16.79 11.05 -2.55
C MET B 85 -17.60 11.50 -3.75
N ASN B 86 -17.37 10.84 -4.89
CA ASN B 86 -17.94 11.30 -6.14
C ASN B 86 -19.46 11.22 -6.03
N LYS B 87 -19.99 10.21 -5.32
CA LYS B 87 -21.43 10.10 -5.06
C LYS B 87 -22.01 11.24 -4.23
N HIS B 88 -21.18 11.97 -3.47
CA HIS B 88 -21.62 13.12 -2.68
C HIS B 88 -21.35 14.45 -3.37
N ASP B 89 -20.74 14.43 -4.57
CA ASP B 89 -20.27 15.64 -5.24
C ASP B 89 -20.47 15.42 -6.74
N THR B 90 -21.72 15.08 -7.13
CA THR B 90 -22.08 14.77 -8.50
C THR B 90 -21.98 15.98 -9.43
N GLU B 91 -22.04 17.20 -8.87
CA GLU B 91 -21.84 18.43 -9.65
C GLU B 91 -20.37 18.86 -9.65
N MET B 92 -19.49 18.14 -8.93
CA MET B 92 -18.06 18.43 -8.91
C MET B 92 -17.82 19.83 -8.34
N LYS B 93 -18.61 20.12 -7.30
CA LYS B 93 -18.72 21.43 -6.67
C LYS B 93 -17.57 21.64 -5.70
N TYR B 94 -16.99 20.54 -5.17
CA TYR B 94 -16.27 20.61 -3.92
C TYR B 94 -14.80 20.22 -4.06
N TYR B 95 -14.25 20.29 -5.30
CA TYR B 95 -12.82 20.53 -5.41
C TYR B 95 -12.06 19.24 -5.14
N ILE B 96 -12.73 18.09 -5.32
CA ILE B 96 -12.08 16.79 -5.30
C ILE B 96 -12.06 16.28 -6.73
N VAL B 97 -10.90 15.77 -7.12
CA VAL B 97 -10.75 15.24 -8.47
C VAL B 97 -11.80 14.16 -8.67
N HIS B 98 -12.37 14.16 -9.88
CA HIS B 98 -13.42 13.25 -10.26
C HIS B 98 -12.81 12.01 -10.91
N LEU B 99 -13.04 10.85 -10.27
CA LEU B 99 -12.72 9.57 -10.86
C LEU B 99 -13.86 9.16 -11.78
N LYS B 100 -13.55 8.98 -13.07
CA LYS B 100 -14.58 8.67 -14.05
C LYS B 100 -14.77 7.16 -14.11
N ARG B 101 -13.69 6.41 -14.06
CA ARG B 101 -13.81 4.97 -14.04
C ARG B 101 -12.44 4.36 -13.78
N HIS B 102 -12.42 3.05 -13.63
CA HIS B 102 -11.14 2.38 -13.43
C HIS B 102 -11.22 1.08 -14.18
N PHE B 103 -10.07 0.55 -14.52
CA PHE B 103 -10.03 -0.74 -15.20
C PHE B 103 -8.61 -1.25 -15.07
N MET B 104 -8.45 -2.54 -15.32
CA MET B 104 -7.14 -3.16 -15.38
C MET B 104 -6.73 -3.11 -16.83
N PHE B 105 -5.48 -2.76 -17.08
CA PHE B 105 -4.96 -2.82 -18.43
C PHE B 105 -3.53 -3.29 -18.35
N ARG B 106 -3.23 -4.39 -19.05
CA ARG B 106 -1.91 -4.99 -19.08
C ARG B 106 -1.31 -5.02 -17.69
N ASN B 107 -2.16 -5.46 -16.74
CA ASN B 107 -1.78 -5.81 -15.38
C ASN B 107 -1.47 -4.56 -14.56
N HIS B 108 -2.02 -3.43 -15.00
CA HIS B 108 -1.99 -2.20 -14.26
C HIS B 108 -3.41 -1.73 -13.99
N LEU B 109 -3.67 -1.34 -12.75
CA LEU B 109 -4.91 -0.69 -12.44
C LEU B 109 -4.78 0.72 -12.97
N CYS B 110 -5.79 1.14 -13.72
CA CYS B 110 -5.82 2.45 -14.31
C CYS B 110 -7.05 3.17 -13.78
N LEU B 111 -6.79 4.32 -13.16
CA LEU B 111 -7.83 5.20 -12.69
C LEU B 111 -7.94 6.34 -13.70
N VAL B 112 -9.12 6.46 -14.30
CA VAL B 112 -9.36 7.47 -15.29
C VAL B 112 -9.95 8.68 -14.57
N PHE B 113 -9.23 9.79 -14.62
CA PHE B 113 -9.69 11.03 -14.00
C PHE B 113 -9.99 12.06 -15.06
N GLU B 114 -10.81 13.04 -14.68
CA GLU B 114 -10.82 14.30 -15.39
C GLU B 114 -9.38 14.82 -15.53
N MET B 115 -9.13 15.46 -16.68
CA MET B 115 -7.86 16.08 -16.97
C MET B 115 -7.82 17.42 -16.25
N LEU B 116 -6.77 17.64 -15.47
CA LEU B 116 -6.58 18.92 -14.81
C LEU B 116 -5.32 19.56 -15.40
N SER B 117 -4.62 20.35 -14.60
CA SER B 117 -3.46 21.04 -15.10
C SER B 117 -2.37 20.87 -14.06
N TYR B 118 -1.52 21.89 -13.91
CA TYR B 118 -0.31 21.79 -13.13
C TYR B 118 -0.64 21.68 -11.65
N ASN B 119 0.24 21.03 -10.90
CA ASN B 119 0.06 20.96 -9.47
C ASN B 119 0.67 22.22 -8.89
N LEU B 120 0.35 22.51 -7.63
CA LEU B 120 0.79 23.76 -7.02
C LEU B 120 2.29 23.75 -6.75
N TYR B 121 2.91 22.57 -6.69
CA TYR B 121 4.35 22.52 -6.54
C TYR B 121 4.96 23.07 -7.83
N ASP B 122 4.47 22.60 -8.96
CA ASP B 122 4.93 23.08 -10.24
C ASP B 122 4.59 24.55 -10.41
N LEU B 123 3.47 24.99 -9.86
CA LEU B 123 3.16 26.40 -9.90
C LEU B 123 4.23 27.17 -9.11
N LEU B 124 4.66 26.66 -7.95
CA LEU B 124 5.73 27.31 -7.21
C LEU B 124 7.01 27.33 -8.03
N ARG B 125 7.36 26.19 -8.65
CA ARG B 125 8.51 26.14 -9.54
C ARG B 125 8.40 27.25 -10.58
N ASN B 126 7.21 27.50 -11.11
CA ASN B 126 7.03 28.51 -12.15
C ASN B 126 7.24 29.91 -11.58
N THR B 127 7.08 30.11 -10.27
CA THR B 127 7.39 31.40 -9.65
C THR B 127 8.85 31.50 -9.23
N ASN B 128 9.64 30.48 -9.57
CA ASN B 128 11.04 30.42 -9.16
C ASN B 128 11.11 30.39 -7.64
N PHE B 129 10.16 29.65 -7.04
CA PHE B 129 10.02 29.47 -5.59
C PHE B 129 10.01 30.79 -4.85
N ARG B 130 9.31 31.77 -5.41
CA ARG B 130 9.13 33.07 -4.76
C ARG B 130 7.69 33.27 -4.33
N GLY B 131 6.82 32.33 -4.71
CA GLY B 131 5.45 32.30 -4.24
C GLY B 131 4.49 33.01 -5.19
N VAL B 132 3.21 32.70 -5.01
CA VAL B 132 2.16 33.37 -5.72
C VAL B 132 1.66 34.49 -4.83
N SER B 133 0.85 35.36 -5.42
CA SER B 133 0.36 36.53 -4.70
C SER B 133 -0.48 36.06 -3.51
N LEU B 134 -0.68 36.97 -2.55
CA LEU B 134 -1.58 36.71 -1.45
C LEU B 134 -3.01 36.57 -1.99
N ASN B 135 -3.33 37.24 -3.09
CA ASN B 135 -4.66 37.17 -3.67
C ASN B 135 -4.92 35.77 -4.19
N LEU B 136 -3.91 35.18 -4.84
CA LEU B 136 -4.09 33.84 -5.36
C LEU B 136 -4.09 32.83 -4.20
N THR B 137 -3.22 33.06 -3.23
CA THR B 137 -3.16 32.25 -2.04
C THR B 137 -4.55 32.19 -1.39
N ARG B 138 -5.24 33.33 -1.36
CA ARG B 138 -6.55 33.40 -0.74
C ARG B 138 -7.54 32.57 -1.53
N LYS B 139 -7.50 32.66 -2.87
CA LYS B 139 -8.36 31.83 -3.69
C LYS B 139 -8.07 30.36 -3.43
N PHE B 140 -6.81 29.96 -3.34
CA PHE B 140 -6.49 28.56 -3.06
C PHE B 140 -6.97 28.20 -1.66
N ALA B 141 -6.82 29.11 -0.71
CA ALA B 141 -7.19 28.83 0.66
C ALA B 141 -8.70 28.63 0.76
N GLN B 142 -9.45 29.47 0.07
CA GLN B 142 -10.90 29.39 0.14
C GLN B 142 -11.39 28.05 -0.42
N GLN B 143 -10.80 27.64 -1.55
CA GLN B 143 -11.18 26.41 -2.21
C GLN B 143 -10.79 25.23 -1.34
N MET B 144 -9.57 25.29 -0.79
CA MET B 144 -9.08 24.18 0.01
C MET B 144 -9.94 24.05 1.27
N CYS B 145 -10.32 25.18 1.87
CA CYS B 145 -11.16 25.09 3.05
C CYS B 145 -12.51 24.47 2.67
N THR B 146 -12.99 24.84 1.47
CA THR B 146 -14.26 24.30 1.02
C THR B 146 -14.11 22.80 0.80
N ALA B 147 -12.97 22.39 0.26
CA ALA B 147 -12.72 20.98 0.02
C ALA B 147 -12.71 20.25 1.35
N LEU B 148 -12.00 20.82 2.33
CA LEU B 148 -11.95 20.19 3.64
C LEU B 148 -13.34 20.17 4.24
N LEU B 149 -14.15 21.20 4.02
CA LEU B 149 -15.52 21.22 4.53
C LEU B 149 -16.28 20.03 3.95
N PHE B 150 -16.11 19.80 2.64
CA PHE B 150 -16.72 18.67 1.97
C PHE B 150 -16.25 17.33 2.54
N LEU B 151 -14.94 17.17 2.68
CA LEU B 151 -14.41 15.91 3.19
C LEU B 151 -14.95 15.59 4.57
N ALA B 152 -15.20 16.64 5.38
CA ALA B 152 -15.67 16.45 6.75
C ALA B 152 -17.18 16.22 6.82
N THR B 153 -17.88 16.23 5.67
CA THR B 153 -19.24 15.71 5.61
C THR B 153 -19.33 14.41 6.41
N PRO B 154 -20.23 14.28 7.42
CA PRO B 154 -20.26 13.07 8.25
C PRO B 154 -20.20 11.75 7.50
N GLU B 155 -21.00 11.60 6.43
CA GLU B 155 -21.06 10.35 5.70
C GLU B 155 -19.73 10.08 5.02
N LEU B 156 -18.86 11.08 4.91
CA LEU B 156 -17.56 10.85 4.30
C LEU B 156 -16.51 10.75 5.40
N SER B 157 -16.37 11.81 6.21
CA SER B 157 -15.35 11.89 7.25
C SER B 157 -13.99 11.40 6.73
N ILE B 158 -13.61 11.92 5.57
CA ILE B 158 -12.36 11.49 4.94
C ILE B 158 -11.21 12.39 5.38
N ILE B 159 -10.15 11.75 5.83
CA ILE B 159 -8.87 12.40 6.06
C ILE B 159 -8.00 12.13 4.84
N HIS B 160 -7.59 13.21 4.21
CA HIS B 160 -6.78 13.05 3.02
C HIS B 160 -5.46 12.38 3.41
N CYS B 161 -4.82 12.95 4.44
CA CYS B 161 -3.63 12.41 5.06
C CYS B 161 -2.36 12.64 4.26
N ASP B 162 -2.43 13.33 3.13
CA ASP B 162 -1.19 13.61 2.45
C ASP B 162 -1.29 14.89 1.66
N LEU B 163 -1.90 15.92 2.26
CA LEU B 163 -2.02 17.17 1.55
C LEU B 163 -0.64 17.80 1.48
N LYS B 164 -0.37 18.32 0.28
CA LYS B 164 0.85 19.04 0.01
C LYS B 164 0.67 19.69 -1.34
N PRO B 165 1.53 20.64 -1.74
CA PRO B 165 1.35 21.37 -3.00
C PRO B 165 1.14 20.46 -4.21
N GLU B 166 1.89 19.34 -4.25
CA GLU B 166 1.88 18.41 -5.38
C GLU B 166 0.52 17.73 -5.53
N ASN B 167 -0.27 17.68 -4.45
CA ASN B 167 -1.55 16.99 -4.44
C ASN B 167 -2.69 17.98 -4.56
N ILE B 168 -2.36 19.21 -4.98
CA ILE B 168 -3.37 20.19 -5.33
C ILE B 168 -3.11 20.65 -6.75
N LEU B 169 -4.10 20.51 -7.63
CA LEU B 169 -3.88 20.81 -9.03
C LEU B 169 -4.78 21.94 -9.45
N LEU B 170 -4.25 22.80 -10.31
CA LEU B 170 -5.10 23.70 -11.08
C LEU B 170 -5.97 22.86 -12.02
N CYS B 171 -7.19 23.35 -12.23
CA CYS B 171 -8.06 22.79 -13.24
C CYS B 171 -7.61 23.26 -14.62
N ASN B 172 -7.23 24.53 -14.71
N ASN B 172 -7.39 24.58 -14.76
CA ASN B 172 -6.90 25.15 -15.98
CA ASN B 172 -6.89 25.20 -15.98
C ASN B 172 -5.64 25.99 -15.76
C ASN B 172 -5.56 25.87 -15.67
N PRO B 173 -4.60 25.92 -16.63
CA PRO B 173 -3.35 26.62 -16.41
C PRO B 173 -3.41 28.12 -16.13
N LYS B 174 -4.47 28.81 -16.52
CA LYS B 174 -4.44 30.25 -16.36
C LYS B 174 -5.43 30.71 -15.31
N ARG B 175 -5.97 29.77 -14.54
CA ARG B 175 -7.06 30.07 -13.63
C ARG B 175 -6.73 29.51 -12.25
N SER B 176 -7.54 29.91 -11.27
CA SER B 176 -7.23 29.64 -9.88
C SER B 176 -8.03 28.45 -9.33
N ALA B 177 -8.98 27.94 -10.10
CA ALA B 177 -9.72 26.73 -9.74
C ALA B 177 -8.74 25.59 -9.47
N ILE B 178 -8.99 24.86 -8.38
CA ILE B 178 -8.14 23.74 -8.01
C ILE B 178 -8.99 22.55 -7.59
N LYS B 179 -8.35 21.40 -7.61
CA LYS B 179 -8.88 20.18 -7.06
C LYS B 179 -7.78 19.47 -6.29
N ILE B 180 -8.19 18.76 -5.25
CA ILE B 180 -7.32 17.84 -4.54
C ILE B 180 -7.30 16.49 -5.26
N VAL B 181 -6.10 15.91 -5.31
CA VAL B 181 -5.88 14.59 -5.86
C VAL B 181 -5.16 13.72 -4.82
N ASP B 182 -5.17 12.42 -5.13
CA ASP B 182 -4.38 11.37 -4.51
C ASP B 182 -4.87 11.02 -3.12
N PHE B 183 -5.86 10.13 -3.07
CA PHE B 183 -6.42 9.62 -1.84
C PHE B 183 -5.84 8.25 -1.53
N GLY B 184 -4.64 8.01 -2.07
CA GLY B 184 -3.92 6.78 -1.83
C GLY B 184 -3.61 6.48 -0.37
N SER B 185 -3.35 7.49 0.46
CA SER B 185 -3.07 7.21 1.86
C SER B 185 -4.20 7.71 2.75
N SER B 186 -5.37 7.95 2.16
CA SER B 186 -6.49 8.50 2.89
C SER B 186 -7.21 7.43 3.68
N CYS B 187 -8.08 7.89 4.58
CA CYS B 187 -8.92 7.00 5.37
C CYS B 187 -10.17 7.76 5.79
N GLN B 188 -11.17 7.02 6.22
CA GLN B 188 -12.29 7.60 6.94
C GLN B 188 -11.98 7.57 8.44
N LEU B 189 -12.47 8.60 9.13
CA LEU B 189 -12.27 8.77 10.56
C LEU B 189 -12.62 7.48 11.32
N GLY B 190 -13.76 6.84 11.01
CA GLY B 190 -14.21 5.67 11.75
C GLY B 190 -13.44 4.38 11.40
N GLN B 191 -12.57 4.45 10.38
CA GLN B 191 -11.79 3.32 9.92
C GLN B 191 -10.34 3.77 9.72
N ARG B 192 -9.75 4.36 10.78
CA ARG B 192 -8.36 4.78 10.83
C ARG B 192 -7.51 3.54 10.98
N ILE B 193 -6.52 3.37 10.10
CA ILE B 193 -5.76 2.14 10.11
C ILE B 193 -4.26 2.43 10.23
N TYR B 194 -3.80 3.60 9.76
CA TYR B 194 -2.37 3.93 9.76
C TYR B 194 -1.98 4.80 10.96
N GLN B 195 -0.90 4.42 11.64
CA GLN B 195 -0.33 5.25 12.70
C GLN B 195 0.60 6.30 12.06
N ILE B 197 1.60 8.63 8.97
CA ILE B 197 0.95 9.32 7.80
C ILE B 197 1.47 10.73 7.62
N GLN B 198 1.06 11.31 6.48
CA GLN B 198 1.37 12.64 6.01
C GLN B 198 2.81 12.69 5.55
N SER B 199 3.08 13.59 4.61
CA SER B 199 4.43 13.92 4.21
C SER B 199 5.07 14.84 5.23
N ARG B 200 6.36 14.60 5.44
CA ARG B 200 7.02 15.13 6.61
C ARG B 200 6.74 16.62 6.78
N PHE B 201 6.86 17.44 5.71
CA PHE B 201 6.81 18.89 5.90
C PHE B 201 5.41 19.37 6.28
N TYR B 202 4.42 18.51 6.04
CA TYR B 202 3.03 18.86 6.22
C TYR B 202 2.45 18.02 7.34
N ARG B 203 3.30 17.35 8.09
CA ARG B 203 2.84 16.38 9.07
C ARG B 203 2.46 17.13 10.34
N SER B 204 1.27 16.79 10.84
CA SER B 204 0.68 17.45 11.98
C SER B 204 1.40 17.04 13.26
N PRO B 205 1.41 17.92 14.26
CA PRO B 205 2.06 17.62 15.52
C PRO B 205 1.50 16.37 16.18
N GLU B 206 0.19 16.16 16.06
CA GLU B 206 -0.43 15.00 16.70
C GLU B 206 0.11 13.72 16.07
N VAL B 207 0.40 13.74 14.78
CA VAL B 207 0.91 12.54 14.13
C VAL B 207 2.35 12.30 14.58
N LEU B 208 3.17 13.35 14.55
CA LEU B 208 4.52 13.33 15.09
C LEU B 208 4.57 12.76 16.51
N LEU B 209 3.58 13.08 17.32
CA LEU B 209 3.59 12.75 18.72
C LEU B 209 2.94 11.40 18.98
N GLY B 210 2.49 10.72 17.90
CA GLY B 210 1.89 9.41 18.01
C GLY B 210 0.52 9.46 18.65
N MET B 211 -0.17 10.59 18.52
CA MET B 211 -1.46 10.73 19.14
C MET B 211 -2.56 10.37 18.16
N PRO B 212 -3.76 10.07 18.69
CA PRO B 212 -4.94 9.95 17.84
C PRO B 212 -5.04 11.20 16.97
N TYR B 213 -5.54 11.00 15.76
CA TYR B 213 -5.64 12.10 14.82
C TYR B 213 -7.00 12.02 14.17
N ASP B 214 -7.42 13.15 13.60
CA ASP B 214 -8.71 13.24 13.00
C ASP B 214 -8.56 14.13 11.78
N LEU B 215 -9.68 14.59 11.24
CA LEU B 215 -9.58 15.37 10.02
C LEU B 215 -8.78 16.66 10.20
N ALA B 216 -8.55 17.10 11.44
CA ALA B 216 -7.77 18.31 11.68
C ALA B 216 -6.34 18.22 11.16
N ILE B 217 -5.81 17.00 10.93
CA ILE B 217 -4.43 16.91 10.42
C ILE B 217 -4.37 17.58 9.05
N ASP B 218 -5.46 17.53 8.28
CA ASP B 218 -5.46 18.10 6.96
C ASP B 218 -5.45 19.62 7.03
N MET B 219 -6.06 20.18 8.07
CA MET B 219 -6.05 21.62 8.23
C MET B 219 -4.64 22.09 8.61
N TRP B 220 -3.92 21.29 9.42
CA TRP B 220 -2.53 21.58 9.70
C TRP B 220 -1.78 21.69 8.38
N SER B 221 -1.91 20.66 7.54
CA SER B 221 -1.17 20.58 6.32
C SER B 221 -1.50 21.82 5.49
N LEU B 222 -2.78 22.17 5.44
CA LEU B 222 -3.22 23.32 4.67
C LEU B 222 -2.54 24.61 5.13
N GLY B 223 -2.47 24.81 6.43
CA GLY B 223 -1.78 25.98 6.96
C GLY B 223 -0.34 26.05 6.41
N CYS B 224 0.38 24.93 6.49
CA CYS B 224 1.73 24.82 5.97
C CYS B 224 1.75 25.15 4.47
N ILE B 225 0.83 24.52 3.72
CA ILE B 225 0.71 24.70 2.29
C ILE B 225 0.49 26.17 1.93
N LEU B 226 -0.41 26.85 2.64
CA LEU B 226 -0.75 28.21 2.24
C LEU B 226 0.41 29.16 2.46
N VAL B 227 1.18 28.96 3.53
CA VAL B 227 2.34 29.79 3.77
C VAL B 227 3.35 29.55 2.67
N GLU B 228 3.62 28.27 2.39
CA GLU B 228 4.52 27.89 1.31
C GLU B 228 4.08 28.51 -0.03
N MET B 229 2.77 28.52 -0.28
CA MET B 229 2.31 28.98 -1.58
C MET B 229 2.66 30.46 -1.78
N HIS B 230 2.63 31.21 -0.69
CA HIS B 230 2.90 32.64 -0.76
C HIS B 230 4.38 32.97 -0.55
N THR B 231 5.13 32.19 0.23
CA THR B 231 6.56 32.48 0.38
C THR B 231 7.40 31.78 -0.69
N GLY B 232 6.87 30.70 -1.26
CA GLY B 232 7.58 29.87 -2.23
C GLY B 232 8.34 28.68 -1.61
N GLU B 233 8.33 28.59 -0.27
CA GLU B 233 9.24 27.73 0.46
C GLU B 233 8.45 26.96 1.51
N PRO B 234 8.73 25.67 1.73
CA PRO B 234 8.07 24.93 2.80
C PRO B 234 8.30 25.64 4.13
N LEU B 235 7.24 25.76 4.90
CA LEU B 235 7.28 26.45 6.17
C LEU B 235 8.21 25.70 7.10
N PHE B 236 8.03 24.38 7.14
CA PHE B 236 8.68 23.51 8.11
C PHE B 236 9.34 22.37 7.32
N SER B 237 10.57 22.63 6.84
CA SER B 237 11.25 21.70 5.96
C SER B 237 12.23 20.84 6.76
N GLY B 238 11.68 19.91 7.55
CA GLY B 238 12.51 19.07 8.38
C GLY B 238 13.21 17.98 7.59
N ALA B 239 14.49 17.75 7.86
CA ALA B 239 15.23 16.70 7.18
C ALA B 239 14.94 15.33 7.81
N ASN B 240 14.19 15.31 8.92
CA ASN B 240 13.73 14.08 9.56
C ASN B 240 12.69 14.45 10.63
N GLU B 241 12.14 13.47 11.32
CA GLU B 241 11.01 13.70 12.20
C GLU B 241 11.38 14.64 13.37
N VAL B 242 12.51 14.36 14.04
CA VAL B 242 12.96 15.24 15.11
C VAL B 242 13.18 16.65 14.59
N ASP B 243 13.81 16.79 13.41
CA ASP B 243 14.08 18.10 12.82
C ASP B 243 12.77 18.80 12.46
N GLN B 244 11.81 18.02 12.00
CA GLN B 244 10.50 18.55 11.65
C GLN B 244 9.85 19.20 12.87
N MET B 245 9.76 18.45 13.97
CA MET B 245 9.19 18.99 15.19
C MET B 245 9.99 20.22 15.62
N ASN B 246 11.31 20.19 15.48
CA ASN B 246 12.11 21.33 15.89
C ASN B 246 11.76 22.55 15.06
N LYS B 247 11.58 22.38 13.76
CA LYS B 247 11.26 23.50 12.89
C LYS B 247 9.86 24.03 13.20
N ILE B 248 8.91 23.15 13.53
CA ILE B 248 7.60 23.59 13.99
C ILE B 248 7.76 24.44 15.25
N VAL B 249 8.58 23.94 16.20
CA VAL B 249 8.67 24.54 17.51
C VAL B 249 9.38 25.89 17.38
N GLU B 250 10.31 26.01 16.43
CA GLU B 250 10.94 27.29 16.13
C GLU B 250 9.90 28.39 15.94
N VAL B 251 8.81 28.04 15.24
CA VAL B 251 7.82 29.03 14.89
C VAL B 251 6.78 29.16 15.99
N LEU B 252 6.26 28.02 16.46
CA LEU B 252 5.04 27.99 17.25
C LEU B 252 5.31 27.76 18.73
N GLY B 253 6.57 27.52 19.13
CA GLY B 253 6.89 27.34 20.54
C GLY B 253 6.68 25.90 21.00
N ILE B 254 6.84 25.67 22.29
CA ILE B 254 6.64 24.34 22.86
C ILE B 254 5.15 24.05 22.79
N PRO B 255 4.73 22.84 22.35
CA PRO B 255 3.32 22.49 22.39
C PRO B 255 2.74 22.61 23.78
N PRO B 256 1.43 22.87 23.92
CA PRO B 256 0.79 22.89 25.22
C PRO B 256 1.14 21.65 26.05
N ALA B 257 1.36 21.86 27.35
CA ALA B 257 1.69 20.76 28.24
C ALA B 257 0.62 19.66 28.19
N HIS B 258 -0.66 20.07 28.14
CA HIS B 258 -1.76 19.11 28.21
C HIS B 258 -1.71 18.17 27.01
N ILE B 259 -1.06 18.58 25.92
CA ILE B 259 -0.89 17.73 24.76
C ILE B 259 0.33 16.84 24.97
N LEU B 260 1.44 17.44 25.38
CA LEU B 260 2.63 16.64 25.58
C LEU B 260 2.43 15.59 26.66
N ASP B 261 1.60 15.86 27.66
CA ASP B 261 1.41 14.93 28.76
C ASP B 261 0.66 13.69 28.27
N GLN B 262 -0.02 13.80 27.13
CA GLN B 262 -0.82 12.70 26.62
C GLN B 262 -0.17 12.12 25.36
N ALA B 263 1.00 12.62 24.99
CA ALA B 263 1.60 12.29 23.72
C ALA B 263 2.50 11.07 23.88
N PRO B 264 2.16 9.89 23.32
CA PRO B 264 3.04 8.72 23.45
C PRO B 264 4.48 9.07 23.06
N LYS B 265 4.70 9.95 22.07
CA LYS B 265 6.06 10.19 21.59
C LYS B 265 6.59 11.55 22.04
N ALA B 266 6.03 12.13 23.10
CA ALA B 266 6.54 13.39 23.61
C ALA B 266 8.07 13.31 23.80
N ARG B 267 8.53 12.21 24.40
CA ARG B 267 9.92 12.07 24.82
C ARG B 267 10.83 11.88 23.62
N LYS B 268 10.23 11.73 22.43
CA LYS B 268 11.03 11.69 21.22
C LYS B 268 11.60 13.07 20.91
N PHE B 269 10.91 14.15 21.32
CA PHE B 269 11.30 15.50 20.93
C PHE B 269 11.55 16.41 22.13
N PHE B 270 10.87 16.10 23.23
CA PHE B 270 10.80 17.00 24.37
C PHE B 270 11.28 16.28 25.61
N GLU B 271 11.58 17.06 26.62
CA GLU B 271 11.85 16.51 27.93
C GLU B 271 11.31 17.50 28.94
N LYS B 272 11.11 17.00 30.16
CA LYS B 272 10.71 17.81 31.29
C LYS B 272 11.95 18.47 31.87
N LEU B 273 11.92 19.78 32.07
CA LEU B 273 12.96 20.45 32.82
C LEU B 273 12.72 20.22 34.31
N PRO B 274 13.70 20.50 35.19
CA PRO B 274 13.48 20.33 36.63
C PRO B 274 12.28 21.10 37.22
N ASP B 275 11.80 22.15 36.56
CA ASP B 275 10.62 22.85 37.02
C ASP B 275 9.36 22.13 36.53
N GLY B 276 9.54 20.97 35.86
CA GLY B 276 8.44 20.14 35.41
C GLY B 276 7.80 20.69 34.13
N THR B 277 8.40 21.72 33.53
CA THR B 277 7.90 22.24 32.26
C THR B 277 8.59 21.50 31.10
N TRP B 278 7.86 21.43 29.98
CA TRP B 278 8.34 20.75 28.80
C TRP B 278 9.24 21.68 28.02
N ASN B 279 10.32 21.16 27.45
N ASN B 279 10.34 21.15 27.47
CA ASN B 279 10.97 21.89 26.37
CA ASN B 279 11.16 21.89 26.52
C ASN B 279 11.76 20.90 25.52
C ASN B 279 11.72 20.90 25.51
N LEU B 280 12.40 21.41 24.48
CA LEU B 280 13.05 20.57 23.49
C LEU B 280 14.21 19.80 24.10
N LYS B 281 14.32 18.52 23.72
CA LYS B 281 15.57 17.80 23.89
C LYS B 281 16.60 18.44 22.97
N LYS B 282 17.82 18.65 23.47
CA LYS B 282 18.93 19.11 22.65
C LYS B 282 19.30 18.01 21.65
N THR B 283 19.61 18.41 20.40
CA THR B 283 19.98 17.48 19.33
C THR B 283 20.94 18.19 18.37
N GLU B 289 20.95 22.35 15.03
CA GLU B 289 20.86 23.59 15.86
C GLU B 289 19.70 24.44 15.37
N TYR B 290 19.05 25.20 16.28
CA TYR B 290 17.72 25.74 16.04
C TYR B 290 17.47 27.05 16.76
N LYS B 291 16.66 27.90 16.14
CA LYS B 291 16.08 29.04 16.84
C LYS B 291 15.38 28.54 18.09
N PRO B 292 15.56 29.24 19.23
CA PRO B 292 14.78 28.92 20.43
C PRO B 292 13.29 28.77 20.11
N PRO B 293 12.56 27.97 20.91
CA PRO B 293 11.13 27.76 20.67
C PRO B 293 10.44 29.11 20.50
N GLY B 294 9.69 29.25 19.41
CA GLY B 294 8.74 30.32 19.21
C GLY B 294 9.37 31.61 18.72
N THR B 295 10.64 31.59 18.28
CA THR B 295 11.38 32.80 17.96
C THR B 295 11.44 33.07 16.46
N ARG B 296 11.13 32.09 15.62
CA ARG B 296 11.02 32.33 14.20
C ARG B 296 9.57 32.67 13.88
N LYS B 297 9.27 33.96 13.88
CA LYS B 297 7.90 34.42 13.91
C LYS B 297 7.29 34.32 12.52
N LEU B 298 6.04 33.87 12.49
CA LEU B 298 5.32 33.85 11.24
C LEU B 298 5.14 35.28 10.74
N HIS B 299 4.98 36.23 11.66
CA HIS B 299 4.86 37.65 11.33
C HIS B 299 5.99 38.09 10.40
N ASN B 300 7.20 37.54 10.63
CA ASN B 300 8.39 37.88 9.88
C ASN B 300 8.52 36.97 8.67
N ILE B 301 8.16 35.68 8.80
CA ILE B 301 8.16 34.77 7.66
C ILE B 301 7.31 35.36 6.55
N LEU B 302 6.10 35.83 6.90
CA LEU B 302 5.18 36.40 5.93
C LEU B 302 5.54 37.82 5.55
N GLY B 303 6.38 38.49 6.33
CA GLY B 303 6.73 39.88 6.07
C GLY B 303 5.52 40.82 6.22
N VAL B 304 4.74 40.60 7.29
CA VAL B 304 3.47 41.27 7.49
C VAL B 304 3.64 42.78 7.34
N GLU B 305 4.74 43.33 7.87
CA GLU B 305 4.94 44.76 7.85
C GLU B 305 6.13 45.15 6.99
N THR B 306 6.69 44.19 6.25
CA THR B 306 7.96 44.38 5.57
C THR B 306 7.81 44.09 4.08
N GLY B 307 6.57 44.26 3.56
CA GLY B 307 6.28 44.04 2.16
C GLY B 307 6.19 42.56 1.76
N GLY B 308 5.64 41.71 2.64
CA GLY B 308 5.46 40.31 2.30
C GLY B 308 6.77 39.55 2.35
N PRO B 309 6.75 38.26 1.95
CA PRO B 309 7.90 37.36 2.11
C PRO B 309 9.17 37.90 1.46
N GLY B 310 10.24 37.94 2.28
CA GLY B 310 11.52 38.51 1.87
C GLY B 310 11.36 39.89 1.23
N GLY B 311 10.32 40.66 1.63
CA GLY B 311 10.11 42.01 1.12
C GLY B 311 9.63 42.04 -0.33
N ARG B 312 9.44 40.85 -0.94
CA ARG B 312 9.25 40.70 -2.38
C ARG B 312 7.94 41.31 -2.89
N ARG B 313 6.97 41.54 -1.99
CA ARG B 313 5.64 42.01 -2.38
C ARG B 313 5.45 43.50 -2.06
N ALA B 314 6.53 44.18 -1.76
CA ALA B 314 6.44 45.52 -1.17
C ALA B 314 5.78 46.51 -2.14
N GLY B 315 4.64 47.10 -1.71
CA GLY B 315 3.94 48.12 -2.48
C GLY B 315 2.74 47.57 -3.24
N GLU B 316 2.78 46.26 -3.57
CA GLU B 316 1.76 45.66 -4.41
C GLU B 316 0.37 45.81 -3.79
N SER B 317 -0.60 45.95 -4.69
CA SER B 317 -2.01 45.82 -4.37
C SER B 317 -2.26 44.45 -3.73
N GLY B 318 -3.33 44.37 -2.93
CA GLY B 318 -3.81 43.13 -2.34
C GLY B 318 -2.93 42.61 -1.20
N HIS B 319 -1.84 43.33 -0.88
CA HIS B 319 -0.87 42.85 0.09
C HIS B 319 -0.64 43.92 1.17
N THR B 320 -1.72 44.47 1.72
CA THR B 320 -1.65 45.46 2.78
C THR B 320 -1.27 44.77 4.09
N VAL B 321 -0.88 45.58 5.08
CA VAL B 321 -0.54 45.06 6.39
C VAL B 321 -1.77 44.37 6.96
N ALA B 322 -2.93 45.02 6.81
CA ALA B 322 -4.16 44.47 7.36
C ALA B 322 -4.44 43.09 6.75
N ASP B 323 -4.14 42.94 5.45
CA ASP B 323 -4.39 41.67 4.75
C ASP B 323 -3.45 40.61 5.29
N TYR B 324 -2.20 41.01 5.55
CA TYR B 324 -1.24 40.04 6.04
C TYR B 324 -1.56 39.63 7.45
N LEU B 325 -2.10 40.58 8.24
CA LEU B 325 -2.47 40.25 9.60
C LEU B 325 -3.61 39.24 9.60
N LYS B 326 -4.57 39.42 8.69
CA LYS B 326 -5.67 38.47 8.57
C LYS B 326 -5.16 37.12 8.13
N PHE B 327 -4.28 37.12 7.15
CA PHE B 327 -3.70 35.88 6.68
C PHE B 327 -2.93 35.21 7.81
N LYS B 328 -2.12 35.98 8.52
CA LYS B 328 -1.34 35.43 9.62
C LYS B 328 -2.27 34.78 10.64
N ASP B 329 -3.36 35.48 10.96
CA ASP B 329 -4.28 35.03 11.97
C ASP B 329 -4.85 33.69 11.56
N LEU B 330 -5.30 33.60 10.31
CA LEU B 330 -5.90 32.36 9.80
C LEU B 330 -4.89 31.22 9.85
N ILE B 331 -3.67 31.48 9.34
CA ILE B 331 -2.62 30.47 9.38
C ILE B 331 -2.36 30.03 10.83
N LEU B 332 -2.26 30.96 11.77
CA LEU B 332 -2.00 30.55 13.14
C LEU B 332 -3.13 29.68 13.69
N ARG B 333 -4.35 29.94 13.24
CA ARG B 333 -5.48 29.13 13.70
C ARG B 333 -5.46 27.74 13.07
N MET B 334 -4.92 27.66 11.85
CA MET B 334 -4.73 26.38 11.19
C MET B 334 -3.56 25.62 11.81
N LEU B 335 -2.56 26.36 12.31
CA LEU B 335 -1.38 25.75 12.90
C LEU B 335 -1.50 25.69 14.41
N ASP B 336 -2.72 25.65 14.93
CA ASP B 336 -2.92 25.38 16.33
C ASP B 336 -2.38 24.01 16.66
N TYR B 337 -1.56 23.95 17.71
CA TYR B 337 -1.09 22.68 18.18
C TYR B 337 -2.23 21.77 18.56
N ASP B 338 -3.29 22.36 19.11
CA ASP B 338 -4.37 21.58 19.66
C ASP B 338 -5.37 21.27 18.56
N PRO B 339 -5.54 19.98 18.19
CA PRO B 339 -6.45 19.63 17.11
C PRO B 339 -7.91 19.88 17.47
N LYS B 340 -8.22 19.94 18.78
CA LYS B 340 -9.57 20.27 19.21
C LYS B 340 -9.89 21.73 18.89
N THR B 341 -8.93 22.66 18.98
CA THR B 341 -9.23 24.07 18.80
C THR B 341 -8.74 24.60 17.45
N ARG B 342 -7.94 23.78 16.73
CA ARG B 342 -7.53 24.14 15.41
C ARG B 342 -8.80 24.49 14.63
N ILE B 343 -8.70 25.53 13.83
CA ILE B 343 -9.83 26.04 13.10
C ILE B 343 -10.36 24.94 12.17
N GLN B 344 -11.70 24.86 12.16
CA GLN B 344 -12.40 23.90 11.33
C GLN B 344 -12.73 24.60 10.02
N PRO B 345 -12.92 23.82 8.93
CA PRO B 345 -13.18 24.39 7.60
C PRO B 345 -14.28 25.45 7.60
N TYR B 346 -15.39 25.20 8.26
CA TYR B 346 -16.47 26.17 8.14
C TYR B 346 -16.03 27.54 8.70
N TYR B 347 -15.44 27.55 9.90
CA TYR B 347 -15.04 28.81 10.52
C TYR B 347 -13.85 29.43 9.78
N ALA B 348 -12.98 28.59 9.22
CA ALA B 348 -11.93 29.10 8.35
C ALA B 348 -12.54 29.94 7.25
N LEU B 349 -13.60 29.41 6.62
CA LEU B 349 -14.27 30.10 5.52
C LEU B 349 -14.93 31.40 5.98
N GLN B 350 -15.26 31.51 7.26
CA GLN B 350 -15.83 32.75 7.76
C GLN B 350 -14.75 33.73 8.22
N HIS B 351 -13.49 33.36 8.11
CA HIS B 351 -12.42 34.22 8.57
C HIS B 351 -12.36 35.53 7.79
N SER B 352 -11.93 36.60 8.48
CA SER B 352 -11.87 37.92 7.90
C SER B 352 -10.96 37.91 6.68
N PHE B 353 -9.99 36.98 6.61
CA PHE B 353 -9.12 36.89 5.45
C PHE B 353 -9.89 36.73 4.14
N PHE B 354 -11.09 36.14 4.22
CA PHE B 354 -11.88 35.91 3.02
C PHE B 354 -12.97 36.97 2.80
N LYS B 355 -13.05 38.03 3.60
CA LYS B 355 -14.06 39.07 3.41
C LYS B 355 -13.52 40.13 2.46
N LYS B 356 -14.36 40.64 1.54
CA LYS B 356 -13.93 41.63 0.55
C LYS B 356 -15.13 42.38 -0.04
#